data_8UBT
#
_entry.id   8UBT
#
_cell.length_a   1.00
_cell.length_b   1.00
_cell.length_c   1.00
_cell.angle_alpha   90.00
_cell.angle_beta   90.00
_cell.angle_gamma   90.00
#
_symmetry.space_group_name_H-M   'P 1'
#
loop_
_entity.id
_entity.type
_entity.pdbx_description
1 polymer Cullin-1
2 polymer 'S-phase kinase-associated protein 1'
3 polymer 'F-box/LRR-repeat protein 17'
4 polymer 'Transcription regulator protein BACH1'
#
loop_
_entity_poly.entity_id
_entity_poly.type
_entity_poly.pdbx_seq_one_letter_code
_entity_poly.pdbx_strand_id
1 'polypeptide(L)'
;KQIGLDQIWDDLRAGIQQVYTRQSMAKSRYMELYTHVYNYCTSVHQSNQARGAGVPPSKSKKGQTPGGAQFVGLELYKRL
KEFLKNYLTNLLKDGEDLMDESVLKFYTQQWEDYRFSSKVLNGICAYLNRHWVRRECDEGRKGIYEIYSLALVTWRDCLF
RPLNKQVTNAVLKLIEKERNGETINTRLISGVVQSYVELGLNEDDAFAKGPTLTVYKESFESQFLADTERFYTRESTEFL
QQNPVTEYMKKAEARLLEEQRRVQVYLHESTQDELARKCEQVLIEKHLEIFHTEFQNLLDADKNEDLGRMYNLVSRIQDG
LGELKKLLETHIHNQGLAAIEKCGEAALNDPKMYVQTVLDVHKKYNALVMSAFNNDAGFVAALDKACGRFINNNAVTKMA
QSSSKSPELLARYCDSLLKKSSKNPEEAELEDTLNQVMVVFKYIEDKDVFQKFYAKMLAKRLVHQNSASDDAEASMISKL
KQACGFEYTSKLQRMFQDIGVSKDLNEQFKKHLTNSEPLDLDFSIQVLSSGSWPFQQSCTFALPSELERSYQRFTAFYAS
RHSGRKLTWLYQLSKGELVTNCFKNRYTLQASTFQMAILLQYNTEDAYTVQQLTDSTQIKMDILAQVLQILLKSKLLVLE
DENANVDEVELKPDTLIKLYLGYKNKKLRVNINVPMKTEQKQEQETTHKNIEEDRKLLIQAAIVRIMKMRKVLKHQQLLG
EVLTQLSSRFKPRVPVIKKCIDILIEKEYLERVDGEKDTYSYLA
;
A
2 'polypeptide(L)'
;MPSIKLQSSDGEIFEVDVEIAKQSVTIKTMLEDLGMDDEGDDDPVPLPNVNAAILKKVIQWCTHHKDDPPPPEDDENKEK
RTDDIPVWDQEFLKVDQGTLFELILAANYLDIKGLLDVTCKTVANMIKGKTPEEIRKTFNIKNDFTEEEEAQVRKENQWC
EEK
;
B
3 'polypeptide(L)'
;CHREPPPETPDINQLPPSILLKIFSNLSLDERCLSASLVCKYWRDLCLDFQFWKQLDLSSRQQVTDELLEKIASRSQNII
EINISDCRSMSDNGVCVLAFKCPGLLRYTAYRCKQLSDTSIIAVASHCPLLQKVHVGNQDKLTDEGLKQLGSKCRELKDI
HFGQCYKISDEGMIVIAKGCLKLQRIYMQENKLVTDQSVKAFAEHCPELQYVGFMGCSVTSKGVIHLTKLRNLSSLDLRH
ITELDNETVMEIVKRCKNLSSLNLCLNWIINDRCVEVIAKEGQNLKELYLVSCKITDYALIAIGRYSMTIETVDVGWCKE
ITDQGATLIAQSSKSLRYLGLMRCDKVNEVTVEQLVQQYPHITFSTVLQDCKRTLERAYQMGWTPNMSAASS
;
C
4 'polypeptide(L)'
;SVFAYESSVHSTNVLLSLNDQRKKDVLCDVTIFVEGQRFRAHRSVLAACSSYFHSRIVGQADGELNITLPEEVTVKGFEP
LIQFAYTAKLILSKENVDEVCKCVEFLSVHNIEESCFQFLKF
;
D
#
# COMPACT_ATOMS: atom_id res chain seq x y z
N ILE A 3 9.14 -42.96 23.34
CA ILE A 3 9.05 -42.52 21.96
C ILE A 3 10.15 -43.15 21.12
N GLY A 4 11.40 -42.78 21.42
CA GLY A 4 12.54 -43.25 20.67
C GLY A 4 12.94 -42.28 19.57
N LEU A 5 14.14 -42.53 19.03
CA LEU A 5 14.70 -41.67 17.99
C LEU A 5 15.26 -42.42 16.79
N ASP A 6 15.62 -43.69 16.93
CA ASP A 6 16.18 -44.45 15.82
C ASP A 6 15.26 -45.55 15.32
N GLN A 7 14.32 -46.02 16.13
CA GLN A 7 13.36 -47.02 15.67
C GLN A 7 12.42 -46.45 14.63
N ILE A 8 12.14 -45.15 14.69
CA ILE A 8 11.23 -44.53 13.72
C ILE A 8 11.87 -44.50 12.34
N TRP A 9 13.19 -44.27 12.27
CA TRP A 9 13.84 -44.14 10.97
C TRP A 9 14.14 -45.52 10.39
N ASP A 10 13.15 -46.39 10.42
CA ASP A 10 13.10 -47.59 9.58
C ASP A 10 11.73 -47.82 8.97
N ASP A 11 10.66 -47.29 9.56
CA ASP A 11 9.36 -47.23 8.94
C ASP A 11 9.08 -45.86 8.33
N LEU A 12 9.69 -44.80 8.85
CA LEU A 12 9.61 -43.50 8.19
C LEU A 12 10.21 -43.58 6.79
N ARG A 13 11.46 -44.01 6.69
CA ARG A 13 12.11 -44.12 5.39
C ARG A 13 11.65 -45.41 4.71
N ALA A 14 10.35 -45.61 4.71
CA ALA A 14 9.65 -46.57 3.87
C ALA A 14 8.37 -45.98 3.32
N GLY A 15 7.88 -44.89 3.89
CA GLY A 15 6.79 -44.11 3.33
C GLY A 15 7.32 -42.83 2.75
N ILE A 16 8.47 -42.37 3.24
CA ILE A 16 9.18 -41.28 2.57
C ILE A 16 9.67 -41.75 1.20
N GLN A 17 10.06 -43.02 1.10
CA GLN A 17 10.40 -43.60 -0.20
C GLN A 17 9.16 -44.04 -0.98
N GLN A 18 7.98 -43.96 -0.37
CA GLN A 18 6.74 -44.33 -1.04
C GLN A 18 5.98 -43.12 -1.58
N VAL A 19 6.14 -41.95 -0.95
CA VAL A 19 5.57 -40.74 -1.53
C VAL A 19 6.26 -40.45 -2.87
N TYR A 20 7.57 -40.63 -2.94
CA TYR A 20 8.29 -40.69 -4.20
C TYR A 20 8.05 -42.06 -4.83
N THR A 21 8.16 -42.11 -6.16
CA THR A 21 7.66 -43.25 -6.93
C THR A 21 6.18 -43.45 -6.62
N ARG A 22 5.37 -42.46 -7.01
CA ARG A 22 3.96 -42.34 -6.64
C ARG A 22 3.22 -43.66 -6.79
N GLN A 23 2.67 -44.15 -5.68
CA GLN A 23 2.08 -45.49 -5.65
C GLN A 23 0.76 -45.49 -4.90
N SER A 24 0.03 -44.38 -4.94
CA SER A 24 -1.33 -44.29 -4.41
C SER A 24 -1.41 -44.65 -2.93
N MET A 25 -0.85 -43.81 -2.07
CA MET A 25 -0.87 -43.99 -0.63
C MET A 25 -2.30 -43.94 -0.10
N ALA A 26 -2.53 -44.66 0.99
CA ALA A 26 -3.80 -44.60 1.69
C ALA A 26 -3.74 -43.52 2.77
N LYS A 27 -4.85 -43.26 3.45
CA LYS A 27 -4.91 -42.25 4.49
C LYS A 27 -4.57 -42.81 5.87
N SER A 28 -4.39 -44.13 5.97
CA SER A 28 -3.92 -44.76 7.19
C SER A 28 -2.41 -44.87 7.26
N ARG A 29 -1.70 -44.62 6.16
CA ARG A 29 -0.25 -44.59 6.14
C ARG A 29 0.30 -43.18 6.28
N TYR A 30 -0.39 -42.17 5.75
CA TYR A 30 -0.08 -40.76 5.96
C TYR A 30 -0.11 -40.41 7.43
N MET A 31 -1.16 -40.85 8.13
CA MET A 31 -1.29 -40.55 9.55
C MET A 31 -0.22 -41.24 10.36
N GLU A 32 0.21 -42.44 9.94
CA GLU A 32 1.28 -43.14 10.65
C GLU A 32 2.60 -42.37 10.55
N LEU A 33 2.93 -41.87 9.37
CA LEU A 33 4.16 -41.10 9.20
C LEU A 33 4.08 -39.76 9.95
N TYR A 34 2.92 -39.10 9.88
CA TYR A 34 2.75 -37.86 10.62
C TYR A 34 2.87 -38.10 12.12
N THR A 35 2.32 -39.22 12.61
CA THR A 35 2.45 -39.56 14.02
C THR A 35 3.89 -39.83 14.40
N HIS A 36 4.64 -40.50 13.52
CA HIS A 36 6.06 -40.73 13.78
C HIS A 36 6.81 -39.41 13.92
N VAL A 37 6.58 -38.49 12.98
CA VAL A 37 7.26 -37.19 13.03
C VAL A 37 6.86 -36.42 14.28
N TYR A 38 5.57 -36.41 14.59
CA TYR A 38 5.08 -35.70 15.77
C TYR A 38 5.69 -36.27 17.05
N ASN A 39 5.70 -37.61 17.17
CA ASN A 39 6.23 -38.25 18.36
C ASN A 39 7.71 -37.94 18.54
N TYR A 40 8.48 -37.99 17.44
CA TYR A 40 9.88 -37.64 17.53
C TYR A 40 10.04 -36.19 17.97
N CYS A 41 9.23 -35.30 17.41
CA CYS A 41 9.35 -33.87 17.69
C CYS A 41 8.99 -33.50 19.12
N THR A 42 7.97 -34.14 19.72
CA THR A 42 7.58 -33.86 21.10
C THR A 42 8.02 -35.03 21.98
N SER A 43 9.06 -34.80 22.77
CA SER A 43 9.60 -35.79 23.69
C SER A 43 10.63 -35.10 24.58
N VAL A 44 10.80 -35.65 25.77
CA VAL A 44 11.77 -35.12 26.72
C VAL A 44 12.63 -36.25 27.28
N GLN A 70 13.78 -33.17 24.19
CA GLN A 70 14.52 -32.07 23.58
C GLN A 70 14.65 -32.27 22.08
N PHE A 71 13.67 -32.98 21.50
CA PHE A 71 13.55 -33.25 20.07
C PHE A 71 14.88 -33.66 19.43
N VAL A 72 15.75 -34.29 20.21
CA VAL A 72 17.08 -34.78 19.81
C VAL A 72 17.72 -33.82 18.80
N GLY A 73 17.81 -32.55 19.17
CA GLY A 73 18.51 -31.58 18.34
C GLY A 73 17.88 -31.43 16.97
N LEU A 74 18.72 -31.52 15.93
CA LEU A 74 18.31 -31.32 14.54
C LEU A 74 18.56 -32.57 13.71
N GLU A 75 18.40 -33.75 14.32
CA GLU A 75 18.70 -34.99 13.62
C GLU A 75 17.79 -35.22 12.43
N LEU A 76 16.48 -35.00 12.60
CA LEU A 76 15.52 -35.29 11.53
C LEU A 76 15.77 -34.41 10.31
N TYR A 77 16.07 -33.13 10.53
CA TYR A 77 16.35 -32.22 9.42
C TYR A 77 17.55 -32.70 8.61
N LYS A 78 18.62 -33.10 9.31
CA LYS A 78 19.82 -33.58 8.62
C LYS A 78 19.54 -34.88 7.87
N ARG A 79 18.78 -35.80 8.47
CA ARG A 79 18.46 -37.04 7.78
C ARG A 79 17.60 -36.80 6.54
N LEU A 80 16.62 -35.91 6.62
CA LEU A 80 15.82 -35.59 5.44
C LEU A 80 16.65 -34.90 4.37
N LYS A 81 17.57 -34.03 4.78
CA LYS A 81 18.47 -33.39 3.82
C LYS A 81 19.34 -34.42 3.09
N GLU A 82 19.90 -35.38 3.85
CA GLU A 82 20.71 -36.41 3.23
C GLU A 82 19.89 -37.29 2.31
N PHE A 83 18.66 -37.63 2.71
CA PHE A 83 17.80 -38.43 1.85
C PHE A 83 17.50 -37.71 0.54
N LEU A 84 17.17 -36.42 0.62
CA LEU A 84 16.87 -35.66 -0.59
C LEU A 84 18.09 -35.49 -1.47
N LYS A 85 19.27 -35.30 -0.87
CA LYS A 85 20.50 -35.17 -1.65
C LYS A 85 20.93 -36.48 -2.30
N ASN A 86 20.69 -37.62 -1.65
CA ASN A 86 21.00 -38.92 -2.25
C ASN A 86 19.98 -39.34 -3.29
N TYR A 87 18.71 -38.95 -3.13
CA TYR A 87 17.70 -39.29 -4.12
C TYR A 87 17.96 -38.66 -5.48
N LEU A 88 18.43 -37.41 -5.51
CA LEU A 88 18.70 -36.71 -6.76
C LEU A 88 20.05 -37.05 -7.37
N THR A 89 21.04 -37.46 -6.56
CA THR A 89 22.33 -37.84 -7.10
C THR A 89 22.22 -39.09 -7.98
N ASN A 90 21.47 -40.09 -7.53
CA ASN A 90 21.23 -41.28 -8.34
C ASN A 90 20.25 -41.04 -9.49
N LEU A 91 19.42 -40.00 -9.40
CA LEU A 91 18.49 -39.68 -10.47
C LEU A 91 19.16 -39.01 -11.65
N LEU A 92 20.29 -38.32 -11.41
CA LEU A 92 21.02 -37.68 -12.49
C LEU A 92 21.84 -38.68 -13.30
N LYS A 93 22.11 -39.87 -12.76
CA LYS A 93 22.92 -40.85 -13.47
C LYS A 93 22.24 -41.30 -14.76
N ASP A 94 20.91 -41.32 -14.78
CA ASP A 94 20.14 -41.66 -15.96
C ASP A 94 19.45 -40.40 -16.47
N GLY A 95 20.12 -39.69 -17.39
CA GLY A 95 19.57 -38.48 -17.94
C GLY A 95 20.60 -37.40 -18.18
N GLU A 96 21.83 -37.61 -17.72
CA GLU A 96 22.91 -36.65 -17.92
C GLU A 96 23.60 -36.82 -19.27
N ASP A 97 23.24 -37.85 -20.04
CA ASP A 97 23.80 -38.06 -21.37
C ASP A 97 22.73 -37.97 -22.45
N LEU A 98 21.55 -37.45 -22.11
CA LEU A 98 20.44 -37.34 -23.04
C LEU A 98 20.57 -36.06 -23.86
N MET A 99 20.32 -36.18 -25.17
CA MET A 99 20.42 -35.05 -26.08
C MET A 99 19.08 -34.32 -26.15
N ASP A 100 18.94 -33.44 -27.14
CA ASP A 100 17.72 -32.64 -27.27
C ASP A 100 16.52 -33.53 -27.59
N GLU A 101 15.36 -33.10 -27.11
CA GLU A 101 14.04 -33.74 -27.28
C GLU A 101 13.93 -34.99 -26.42
N SER A 102 15.02 -35.47 -25.83
CA SER A 102 15.00 -36.57 -24.88
C SER A 102 15.31 -36.11 -23.46
N VAL A 103 16.21 -35.13 -23.30
CA VAL A 103 16.41 -34.51 -22.00
C VAL A 103 15.28 -33.54 -21.68
N LEU A 104 14.59 -33.03 -22.70
CA LEU A 104 13.43 -32.19 -22.47
C LEU A 104 12.21 -32.99 -22.03
N LYS A 105 12.15 -34.27 -22.38
CA LYS A 105 11.09 -35.16 -21.94
C LYS A 105 11.45 -35.87 -20.64
N PHE A 106 12.68 -35.72 -20.18
CA PHE A 106 13.11 -36.24 -18.89
C PHE A 106 13.06 -35.22 -17.78
N TYR A 107 13.35 -33.95 -18.09
CA TYR A 107 13.14 -32.87 -17.13
C TYR A 107 11.67 -32.66 -16.80
N THR A 108 10.82 -32.51 -17.81
CA THR A 108 9.42 -32.16 -17.58
C THR A 108 8.65 -33.25 -16.86
N GLN A 109 8.89 -34.52 -17.21
CA GLN A 109 8.17 -35.59 -16.53
C GLN A 109 8.68 -35.77 -15.10
N GLN A 110 10.00 -35.76 -14.90
CA GLN A 110 10.56 -35.86 -13.55
C GLN A 110 10.79 -34.49 -12.94
N TRP A 111 9.81 -33.62 -13.05
CA TRP A 111 9.70 -32.40 -12.27
C TRP A 111 8.34 -32.26 -11.62
N GLU A 112 7.27 -32.68 -12.31
CA GLU A 112 5.97 -32.77 -11.69
C GLU A 112 5.87 -33.94 -10.73
N ASP A 113 6.68 -34.99 -10.95
CA ASP A 113 6.77 -36.10 -10.03
C ASP A 113 7.56 -35.78 -8.77
N TYR A 114 8.29 -34.67 -8.77
CA TYR A 114 9.05 -34.23 -7.60
C TYR A 114 8.44 -33.02 -6.92
N ARG A 115 7.80 -32.12 -7.67
CA ARG A 115 7.14 -30.97 -7.06
C ARG A 115 5.94 -31.40 -6.23
N PHE A 116 5.10 -32.27 -6.78
CA PHE A 116 3.93 -32.76 -6.05
C PHE A 116 4.30 -33.75 -4.96
N SER A 117 5.30 -34.59 -5.21
CA SER A 117 5.73 -35.55 -4.20
C SER A 117 6.32 -34.86 -2.98
N SER A 118 7.03 -33.75 -3.19
CA SER A 118 7.50 -32.96 -2.05
C SER A 118 6.48 -31.90 -1.66
N LYS A 119 5.23 -32.33 -1.57
CA LYS A 119 4.16 -31.59 -0.92
C LYS A 119 3.36 -32.45 0.04
N VAL A 120 3.37 -33.77 -0.14
CA VAL A 120 2.98 -34.68 0.94
C VAL A 120 3.98 -34.59 2.08
N LEU A 121 5.26 -34.45 1.74
CA LEU A 121 6.36 -34.25 2.69
C LEU A 121 6.34 -32.86 3.32
N ASN A 122 5.33 -32.05 3.03
CA ASN A 122 5.23 -30.68 3.51
C ASN A 122 3.92 -30.51 4.26
N GLY A 123 3.70 -31.38 5.25
CA GLY A 123 2.40 -31.59 5.85
C GLY A 123 2.31 -33.02 6.37
N ILE A 124 3.31 -33.83 6.04
CA ILE A 124 3.67 -34.96 6.89
C ILE A 124 4.66 -34.51 7.97
N CYS A 125 5.66 -33.74 7.57
CA CYS A 125 6.56 -33.07 8.50
C CYS A 125 6.08 -31.66 8.84
N ALA A 126 4.79 -31.53 9.17
CA ALA A 126 4.24 -30.23 9.49
C ALA A 126 4.66 -29.77 10.88
N TYR A 127 4.87 -30.71 11.81
CA TYR A 127 5.35 -30.36 13.14
C TYR A 127 6.81 -29.95 13.12
N LEU A 128 7.59 -30.43 12.15
CA LEU A 128 8.95 -29.96 11.94
C LEU A 128 8.99 -28.65 11.14
N ASN A 129 7.85 -27.98 10.99
CA ASN A 129 7.79 -26.69 10.32
C ASN A 129 7.16 -25.60 11.17
N ARG A 130 6.32 -25.95 12.14
CA ARG A 130 5.64 -24.98 13.00
C ARG A 130 6.49 -24.55 14.18
N HIS A 131 7.10 -25.51 14.88
CA HIS A 131 7.85 -25.20 16.10
C HIS A 131 9.35 -25.19 15.86
N TRP A 132 9.92 -26.28 15.33
CA TRP A 132 11.34 -26.34 15.01
C TRP A 132 11.48 -26.04 13.52
N VAL A 133 11.91 -24.80 13.23
CA VAL A 133 12.16 -24.17 11.93
C VAL A 133 11.77 -22.71 12.09
N ARG A 134 10.61 -22.46 12.69
CA ARG A 134 10.22 -21.11 13.07
C ARG A 134 10.98 -20.64 14.30
N ARG A 135 11.29 -21.55 15.22
CA ARG A 135 12.14 -21.25 16.36
C ARG A 135 13.61 -21.53 16.09
N GLU A 136 13.92 -22.56 15.28
CA GLU A 136 15.29 -22.77 14.86
C GLU A 136 15.84 -21.59 14.09
N CYS A 137 15.07 -21.07 13.15
CA CYS A 137 15.35 -19.79 12.53
C CYS A 137 14.70 -18.70 13.38
N ASP A 138 14.81 -17.45 12.95
CA ASP A 138 14.18 -16.30 13.60
C ASP A 138 14.79 -16.01 14.96
N GLU A 139 15.67 -16.89 15.45
CA GLU A 139 16.48 -16.55 16.63
C GLU A 139 17.74 -15.82 16.17
N GLY A 140 18.68 -16.56 15.58
CA GLY A 140 19.66 -16.05 14.63
C GLY A 140 20.29 -17.23 13.91
N ARG A 141 19.78 -17.61 12.74
CA ARG A 141 20.25 -18.82 12.06
C ARG A 141 19.91 -18.76 10.58
N LYS A 142 20.86 -19.19 9.76
CA LYS A 142 20.66 -19.31 8.32
C LYS A 142 20.93 -20.74 7.89
N GLY A 143 20.26 -21.18 6.83
CA GLY A 143 20.39 -22.53 6.32
C GLY A 143 19.32 -23.49 6.79
N ILE A 144 18.35 -23.03 7.57
CA ILE A 144 17.24 -23.87 8.03
C ILE A 144 16.00 -23.38 7.30
N TYR A 145 15.51 -24.17 6.36
CA TYR A 145 14.34 -23.84 5.56
C TYR A 145 13.20 -24.80 5.88
N GLU A 146 12.02 -24.48 5.37
CA GLU A 146 10.91 -25.42 5.41
C GLU A 146 11.19 -26.58 4.45
N ILE A 147 10.41 -27.66 4.62
CA ILE A 147 10.68 -28.88 3.87
C ILE A 147 10.50 -28.65 2.38
N TYR A 148 9.45 -27.94 1.98
CA TYR A 148 9.24 -27.66 0.57
C TYR A 148 10.35 -26.78 0.00
N SER A 149 10.70 -25.72 0.73
CA SER A 149 11.80 -24.86 0.30
C SER A 149 13.14 -25.59 0.32
N LEU A 150 13.36 -26.46 1.30
CA LEU A 150 14.59 -27.26 1.31
C LEU A 150 14.65 -28.19 0.10
N ALA A 151 13.52 -28.79 -0.27
CA ALA A 151 13.49 -29.66 -1.44
C ALA A 151 13.75 -28.87 -2.72
N LEU A 152 13.16 -27.68 -2.85
CA LEU A 152 13.46 -26.84 -4.00
C LEU A 152 14.91 -26.37 -4.06
N VAL A 153 15.52 -26.11 -2.90
CA VAL A 153 16.93 -25.72 -2.86
C VAL A 153 17.79 -26.90 -3.30
N THR A 154 17.47 -28.09 -2.78
CA THR A 154 18.20 -29.30 -3.14
C THR A 154 18.00 -29.70 -4.60
N TRP A 155 16.89 -29.30 -5.22
CA TRP A 155 16.71 -29.55 -6.65
C TRP A 155 17.77 -28.85 -7.49
N ARG A 156 18.42 -27.80 -6.95
CA ARG A 156 19.59 -27.26 -7.61
C ARG A 156 20.82 -28.06 -7.21
N ASP A 157 20.67 -29.39 -7.25
CA ASP A 157 21.76 -30.34 -7.31
C ASP A 157 21.63 -31.26 -8.51
N CYS A 158 20.58 -31.06 -9.32
CA CYS A 158 20.37 -31.74 -10.59
C CYS A 158 20.23 -30.77 -11.75
N LEU A 159 19.59 -29.61 -11.53
CA LEU A 159 19.54 -28.57 -12.55
C LEU A 159 20.93 -27.99 -12.82
N PHE A 160 21.69 -27.71 -11.76
CA PHE A 160 23.00 -27.08 -11.89
C PHE A 160 24.13 -28.09 -12.08
N ARG A 161 24.01 -28.99 -13.05
CA ARG A 161 25.13 -29.86 -13.39
C ARG A 161 25.13 -30.09 -14.91
N PRO A 162 24.18 -30.86 -15.51
CA PRO A 162 23.87 -30.59 -16.92
C PRO A 162 22.70 -29.64 -17.02
N LEU A 163 21.55 -30.13 -17.49
CA LEU A 163 20.24 -29.47 -17.39
C LEU A 163 20.26 -27.96 -17.60
N ASN A 164 20.97 -27.23 -16.73
CA ASN A 164 21.07 -25.78 -16.84
C ASN A 164 21.45 -25.38 -18.26
N LYS A 165 22.44 -26.06 -18.84
CA LYS A 165 22.55 -25.99 -20.29
C LYS A 165 22.68 -27.44 -20.81
N GLN A 166 21.54 -28.13 -20.83
CA GLN A 166 21.34 -29.30 -21.69
C GLN A 166 19.92 -29.24 -22.23
N VAL A 167 19.04 -28.56 -21.50
CA VAL A 167 17.66 -28.40 -21.93
C VAL A 167 17.39 -27.00 -22.46
N THR A 168 18.16 -26.01 -22.00
CA THR A 168 18.05 -24.67 -22.57
C THR A 168 18.42 -24.68 -24.05
N ASN A 169 19.49 -25.41 -24.39
CA ASN A 169 19.82 -25.62 -25.79
C ASN A 169 18.73 -26.37 -26.53
N ALA A 170 18.14 -27.39 -25.89
CA ALA A 170 17.01 -28.11 -26.48
C ALA A 170 15.80 -27.21 -26.66
N VAL A 171 15.49 -26.35 -25.68
CA VAL A 171 14.38 -25.42 -25.82
C VAL A 171 14.62 -24.46 -26.97
N LEU A 172 15.86 -23.94 -27.09
CA LEU A 172 16.16 -23.04 -28.19
C LEU A 172 16.06 -23.75 -29.54
N LYS A 173 16.54 -24.99 -29.62
CA LYS A 173 16.45 -25.74 -30.87
C LYS A 173 15.00 -26.02 -31.24
N LEU A 174 14.15 -26.35 -30.26
CA LEU A 174 12.73 -26.55 -30.55
C LEU A 174 12.08 -25.24 -30.98
N ILE A 175 12.43 -24.13 -30.33
CA ILE A 175 11.88 -22.83 -30.70
C ILE A 175 12.31 -22.45 -32.12
N GLU A 176 13.51 -22.89 -32.53
CA GLU A 176 13.99 -22.58 -33.87
C GLU A 176 13.31 -23.52 -34.86
N LYS A 177 11.99 -23.61 -34.76
CA LYS A 177 11.14 -24.18 -35.79
C LYS A 177 10.13 -23.15 -36.29
N GLU A 178 10.43 -21.87 -36.08
CA GLU A 178 9.63 -20.80 -36.66
C GLU A 178 9.60 -20.90 -38.19
N ARG A 179 10.64 -21.50 -38.76
CA ARG A 179 10.76 -21.63 -40.21
C ARG A 179 9.63 -22.46 -40.80
N ASN A 180 9.61 -23.75 -40.49
CA ASN A 180 8.57 -24.64 -41.00
C ASN A 180 7.94 -25.52 -39.93
N GLY A 181 8.71 -25.96 -38.94
CA GLY A 181 8.26 -26.97 -38.00
C GLY A 181 7.12 -26.58 -37.10
N GLU A 182 5.96 -27.22 -37.28
CA GLU A 182 4.83 -27.07 -36.39
C GLU A 182 4.90 -28.12 -35.28
N THR A 183 3.94 -28.06 -34.36
CA THR A 183 3.85 -28.96 -33.21
C THR A 183 5.15 -28.93 -32.41
N ILE A 184 5.42 -27.77 -31.82
CA ILE A 184 6.66 -27.52 -31.08
C ILE A 184 6.58 -28.14 -29.69
N ASN A 185 5.46 -28.81 -29.40
CA ASN A 185 5.22 -29.44 -28.10
C ASN A 185 5.30 -28.41 -26.97
N THR A 186 4.31 -27.51 -27.00
CA THR A 186 4.22 -26.41 -26.06
C THR A 186 4.38 -26.86 -24.60
N ARG A 187 3.90 -28.06 -24.26
CA ARG A 187 3.90 -28.50 -22.87
C ARG A 187 5.32 -28.59 -22.32
N LEU A 188 6.26 -29.11 -23.11
CA LEU A 188 7.63 -29.26 -22.64
C LEU A 188 8.26 -27.92 -22.28
N ILE A 189 8.17 -26.95 -23.19
CA ILE A 189 8.76 -25.65 -22.95
C ILE A 189 8.05 -24.94 -21.80
N SER A 190 6.73 -25.09 -21.73
CA SER A 190 5.98 -24.47 -20.63
C SER A 190 6.43 -25.02 -19.28
N GLY A 191 6.59 -26.34 -19.19
CA GLY A 191 7.08 -26.93 -17.95
C GLY A 191 8.49 -26.50 -17.62
N VAL A 192 9.34 -26.38 -18.64
CA VAL A 192 10.72 -25.94 -18.41
C VAL A 192 10.74 -24.53 -17.83
N VAL A 193 9.99 -23.60 -18.44
CA VAL A 193 9.99 -22.23 -17.93
C VAL A 193 9.33 -22.16 -16.56
N GLN A 194 8.29 -22.97 -16.31
CA GLN A 194 7.67 -22.98 -14.98
C GLN A 194 8.66 -23.44 -13.92
N SER A 195 9.43 -24.48 -14.22
CA SER A 195 10.44 -24.95 -13.28
C SER A 195 11.51 -23.89 -13.05
N TYR A 196 11.98 -23.24 -14.12
CA TYR A 196 13.01 -22.22 -13.97
C TYR A 196 12.52 -21.04 -13.15
N VAL A 197 11.26 -20.63 -13.35
CA VAL A 197 10.70 -19.53 -12.58
C VAL A 197 10.52 -19.91 -11.12
N GLU A 198 9.99 -21.11 -10.87
CA GLU A 198 9.74 -21.52 -9.49
C GLU A 198 11.03 -21.68 -8.70
N LEU A 199 12.14 -21.95 -9.39
CA LEU A 199 13.44 -22.12 -8.74
C LEU A 199 14.11 -20.81 -8.38
N GLY A 200 13.40 -19.69 -8.36
CA GLY A 200 14.01 -18.45 -7.93
C GLY A 200 14.51 -18.53 -6.50
N LEU A 201 15.45 -17.64 -6.17
CA LEU A 201 16.19 -17.76 -4.93
C LEU A 201 15.30 -17.63 -3.70
N ASN A 202 15.04 -18.76 -3.04
CA ASN A 202 14.37 -18.77 -1.75
C ASN A 202 15.35 -18.93 -0.60
N GLU A 203 16.64 -19.06 -0.89
CA GLU A 203 17.65 -19.23 0.15
C GLU A 203 17.77 -17.95 0.97
N ASP A 204 17.81 -18.09 2.29
CA ASP A 204 17.96 -16.98 3.22
C ASP A 204 16.79 -16.01 3.01
N ASP A 205 17.04 -14.71 3.22
CA ASP A 205 16.04 -13.66 3.03
C ASP A 205 14.79 -13.96 3.85
N ALA A 206 13.66 -14.13 3.19
CA ALA A 206 12.40 -14.42 3.87
C ALA A 206 11.45 -15.19 2.96
N PRO A 211 8.71 -10.72 -7.09
CA PRO A 211 8.83 -11.97 -7.85
C PRO A 211 10.15 -12.69 -7.60
N THR A 212 10.34 -13.83 -8.26
CA THR A 212 11.54 -14.63 -8.12
C THR A 212 12.16 -14.93 -9.49
N LEU A 213 12.26 -13.89 -10.33
CA LEU A 213 12.79 -14.04 -11.68
C LEU A 213 14.30 -13.80 -11.72
N THR A 214 15.04 -14.49 -10.84
CA THR A 214 16.49 -14.39 -10.81
C THR A 214 17.19 -15.52 -11.54
N VAL A 215 16.50 -16.62 -11.80
CA VAL A 215 17.09 -17.72 -12.57
C VAL A 215 16.56 -17.72 -14.00
N TYR A 216 15.31 -17.29 -14.21
CA TYR A 216 14.72 -17.28 -15.54
C TYR A 216 15.52 -16.37 -16.48
N LYS A 217 15.94 -15.21 -15.98
CA LYS A 217 16.66 -14.25 -16.82
C LYS A 217 18.06 -14.76 -17.16
N GLU A 218 18.80 -15.24 -16.15
CA GLU A 218 20.20 -15.61 -16.35
C GLU A 218 20.37 -16.99 -16.96
N SER A 219 19.33 -17.82 -16.99
CA SER A 219 19.45 -19.18 -17.49
C SER A 219 18.71 -19.41 -18.81
N PHE A 220 17.63 -18.69 -19.09
CA PHE A 220 16.90 -18.91 -20.33
C PHE A 220 16.77 -17.65 -21.18
N GLU A 221 16.45 -16.52 -20.54
CA GLU A 221 16.10 -15.32 -21.30
C GLU A 221 17.32 -14.64 -21.91
N SER A 222 18.48 -14.68 -21.23
CA SER A 222 19.67 -14.02 -21.77
C SER A 222 20.13 -14.69 -23.06
N GLN A 223 20.03 -16.01 -23.15
CA GLN A 223 20.47 -16.74 -24.32
C GLN A 223 19.34 -17.03 -25.30
N PHE A 224 18.13 -16.55 -25.02
CA PHE A 224 17.02 -16.61 -25.96
C PHE A 224 16.93 -15.36 -26.83
N LEU A 225 17.15 -14.18 -26.26
CA LEU A 225 17.22 -12.96 -27.06
C LEU A 225 18.41 -13.01 -28.01
N ALA A 226 19.60 -13.34 -27.48
CA ALA A 226 20.79 -13.41 -28.33
C ALA A 226 20.64 -14.40 -29.46
N ASP A 227 19.77 -15.42 -29.29
CA ASP A 227 19.42 -16.29 -30.40
C ASP A 227 18.42 -15.64 -31.34
N THR A 228 17.50 -14.83 -30.81
CA THR A 228 16.54 -14.11 -31.65
C THR A 228 17.19 -13.12 -32.59
N GLU A 229 18.14 -12.31 -32.11
CA GLU A 229 18.91 -11.46 -33.02
C GLU A 229 19.67 -12.28 -34.06
N ARG A 230 20.28 -13.40 -33.66
CA ARG A 230 21.03 -14.20 -34.63
C ARG A 230 20.10 -14.72 -35.72
N PHE A 231 18.90 -15.16 -35.34
CA PHE A 231 17.94 -15.66 -36.31
C PHE A 231 17.45 -14.54 -37.23
N TYR A 232 17.14 -13.37 -36.68
CA TYR A 232 16.54 -12.31 -37.48
C TYR A 232 17.57 -11.38 -38.13
N THR A 233 18.86 -11.55 -37.85
CA THR A 233 19.90 -10.86 -38.60
C THR A 233 20.36 -11.69 -39.78
N ARG A 234 19.89 -12.94 -39.86
CA ARG A 234 20.20 -13.83 -40.97
C ARG A 234 19.04 -14.02 -41.92
N GLU A 235 17.81 -13.72 -41.50
CA GLU A 235 16.65 -13.75 -42.39
C GLU A 235 16.37 -12.41 -43.04
N SER A 236 16.65 -11.30 -42.36
CA SER A 236 16.42 -9.99 -42.95
C SER A 236 17.43 -9.70 -44.06
N THR A 237 18.67 -10.15 -43.88
CA THR A 237 19.72 -9.95 -44.88
C THR A 237 19.66 -11.00 -45.98
N GLU A 238 18.83 -12.03 -45.80
CA GLU A 238 18.63 -13.03 -46.84
C GLU A 238 17.30 -12.91 -47.56
N PHE A 239 16.29 -12.30 -46.97
CA PHE A 239 15.02 -12.02 -47.65
C PHE A 239 15.10 -10.72 -48.43
N LEU A 240 15.74 -9.69 -47.88
CA LEU A 240 15.90 -8.41 -48.58
C LEU A 240 17.15 -8.44 -49.47
N GLN A 241 17.29 -9.54 -50.20
CA GLN A 241 18.25 -9.68 -51.29
C GLN A 241 17.69 -10.36 -52.51
N GLN A 242 16.53 -11.01 -52.41
CA GLN A 242 15.85 -11.62 -53.56
C GLN A 242 14.43 -11.14 -53.73
N ASN A 243 13.86 -10.43 -52.77
CA ASN A 243 12.50 -9.89 -52.82
C ASN A 243 12.52 -8.38 -52.62
N PRO A 244 11.51 -7.67 -53.11
CA PRO A 244 11.48 -6.21 -52.94
C PRO A 244 11.20 -5.83 -51.50
N VAL A 245 11.35 -4.52 -51.23
CA VAL A 245 11.19 -4.01 -49.87
C VAL A 245 9.75 -4.15 -49.41
N THR A 246 8.79 -4.12 -50.34
CA THR A 246 7.39 -4.23 -49.96
C THR A 246 7.07 -5.57 -49.32
N GLU A 247 7.59 -6.67 -49.87
CA GLU A 247 7.36 -7.98 -49.28
C GLU A 247 8.03 -8.13 -47.92
N TYR A 248 9.23 -7.55 -47.75
CA TYR A 248 9.84 -7.53 -46.43
C TYR A 248 8.99 -6.75 -45.45
N MET A 249 8.38 -5.65 -45.90
CA MET A 249 7.50 -4.86 -45.05
C MET A 249 6.31 -5.67 -44.54
N LYS A 250 5.74 -6.53 -45.38
CA LYS A 250 4.63 -7.40 -44.98
C LYS A 250 5.08 -8.57 -44.13
N LYS A 251 6.28 -9.10 -44.38
CA LYS A 251 6.78 -10.22 -43.58
C LYS A 251 7.18 -9.76 -42.18
N ALA A 252 7.71 -8.53 -42.06
CA ALA A 252 8.15 -8.04 -40.75
C ALA A 252 6.97 -7.90 -39.79
N GLU A 253 5.83 -7.42 -40.28
CA GLU A 253 4.64 -7.31 -39.44
C GLU A 253 4.19 -8.68 -38.96
N ALA A 254 4.19 -9.66 -39.86
CA ALA A 254 3.79 -11.01 -39.49
C ALA A 254 4.74 -11.60 -38.45
N ARG A 255 6.04 -11.40 -38.63
CA ARG A 255 7.01 -11.93 -37.66
C ARG A 255 6.89 -11.23 -36.32
N LEU A 256 6.63 -9.92 -36.32
CA LEU A 256 6.46 -9.19 -35.07
C LEU A 256 5.21 -9.67 -34.33
N LEU A 257 4.12 -9.93 -35.07
CA LEU A 257 2.93 -10.49 -34.45
C LEU A 257 3.18 -11.91 -33.94
N GLU A 258 3.94 -12.71 -34.69
CA GLU A 258 4.25 -14.07 -34.27
C GLU A 258 5.09 -14.10 -33.00
N GLU A 259 6.07 -13.19 -32.88
CA GLU A 259 6.80 -13.06 -31.62
C GLU A 259 6.04 -12.22 -30.61
N GLN A 260 4.75 -12.48 -30.49
CA GLN A 260 3.91 -12.05 -29.36
C GLN A 260 2.95 -13.14 -28.93
N ARG A 261 2.59 -14.08 -29.82
CA ARG A 261 1.86 -15.28 -29.49
C ARG A 261 2.79 -16.43 -29.12
N ARG A 262 4.07 -16.34 -29.48
CA ARG A 262 5.07 -17.23 -28.88
C ARG A 262 5.22 -16.94 -27.40
N VAL A 263 5.10 -15.68 -27.00
CA VAL A 263 4.89 -15.30 -25.62
C VAL A 263 3.41 -15.57 -25.32
N GLN A 264 3.00 -15.46 -24.06
CA GLN A 264 1.67 -15.84 -23.57
C GLN A 264 1.41 -17.33 -23.70
N VAL A 265 2.37 -18.11 -24.20
CA VAL A 265 2.32 -19.57 -24.06
C VAL A 265 3.57 -20.14 -23.40
N TYR A 266 4.72 -19.48 -23.49
CA TYR A 266 5.89 -19.75 -22.64
C TYR A 266 6.27 -18.37 -22.11
N LEU A 267 5.61 -17.93 -21.04
CA LEU A 267 5.49 -16.50 -20.80
C LEU A 267 6.25 -16.03 -19.58
N HIS A 268 5.90 -16.48 -18.37
CA HIS A 268 6.34 -15.89 -17.11
C HIS A 268 5.96 -14.41 -17.05
N GLU A 269 5.29 -13.92 -18.09
CA GLU A 269 5.20 -12.50 -18.43
C GLU A 269 6.63 -11.93 -18.39
N SER A 270 6.76 -10.64 -18.07
CA SER A 270 8.04 -9.98 -17.82
C SER A 270 8.99 -10.02 -19.01
N THR A 271 8.53 -10.47 -20.18
CA THR A 271 9.37 -10.54 -21.36
C THR A 271 8.73 -9.96 -22.62
N GLN A 272 7.46 -9.54 -22.56
CA GLN A 272 6.83 -8.91 -23.72
C GLN A 272 7.46 -7.55 -24.03
N ASP A 273 7.69 -6.75 -22.99
CA ASP A 273 8.25 -5.41 -23.15
C ASP A 273 9.76 -5.41 -23.34
N GLU A 274 10.37 -6.57 -23.49
CA GLU A 274 11.81 -6.70 -23.70
C GLU A 274 12.15 -7.46 -24.97
N LEU A 275 11.40 -8.52 -25.30
CA LEU A 275 11.60 -9.19 -26.58
C LEU A 275 11.10 -8.33 -27.74
N ALA A 276 9.99 -7.63 -27.54
CA ALA A 276 9.45 -6.78 -28.60
C ALA A 276 10.42 -5.65 -28.95
N ARG A 277 11.03 -5.04 -27.93
CA ARG A 277 12.02 -4.00 -28.19
C ARG A 277 13.23 -4.56 -28.92
N LYS A 278 13.74 -5.72 -28.50
CA LYS A 278 14.77 -6.40 -29.27
C LYS A 278 14.18 -7.40 -30.25
N CYS A 279 13.17 -6.94 -31.01
CA CYS A 279 12.73 -7.57 -32.23
C CYS A 279 12.37 -6.53 -33.27
N GLU A 280 12.47 -5.25 -32.92
CA GLU A 280 12.28 -4.12 -33.81
C GLU A 280 13.60 -3.49 -34.23
N GLN A 281 14.58 -3.42 -33.32
CA GLN A 281 15.88 -2.88 -33.65
C GLN A 281 16.63 -3.74 -34.66
N VAL A 282 16.27 -5.02 -34.78
CA VAL A 282 16.89 -5.89 -35.76
C VAL A 282 16.09 -5.94 -37.06
N LEU A 283 14.75 -5.91 -36.98
CA LEU A 283 13.91 -5.94 -38.16
C LEU A 283 13.84 -4.57 -38.85
N ILE A 284 13.30 -3.56 -38.18
CA ILE A 284 13.38 -2.20 -38.72
C ILE A 284 13.87 -1.23 -37.65
N GLU A 285 15.18 -1.14 -37.48
CA GLU A 285 15.82 0.07 -36.97
C GLU A 285 17.18 0.22 -37.65
N LYS A 286 17.66 -0.90 -38.21
CA LYS A 286 18.92 -0.95 -38.93
C LYS A 286 18.74 -1.09 -40.43
N HIS A 287 17.53 -1.41 -40.88
CA HIS A 287 17.18 -1.36 -42.29
C HIS A 287 16.57 -0.03 -42.68
N LEU A 288 16.61 0.95 -41.78
CA LEU A 288 16.08 2.27 -42.09
C LEU A 288 17.08 3.06 -42.89
N GLU A 289 17.63 2.43 -43.94
CA GLU A 289 18.42 3.12 -44.95
C GLU A 289 17.75 3.03 -46.31
N ILE A 290 17.43 1.83 -46.78
CA ILE A 290 16.50 1.70 -47.89
C ILE A 290 15.10 1.50 -47.32
N PHE A 291 14.53 2.56 -46.80
CA PHE A 291 13.11 2.79 -46.55
C PHE A 291 12.69 4.16 -47.06
N HIS A 292 13.56 5.17 -46.93
CA HIS A 292 13.28 6.49 -47.47
C HIS A 292 13.32 6.47 -49.00
N THR A 293 14.25 5.71 -49.57
CA THR A 293 14.28 5.53 -51.02
C THR A 293 13.00 4.88 -51.50
N GLU A 294 12.60 3.77 -50.88
CA GLU A 294 11.33 3.14 -51.21
C GLU A 294 10.16 4.06 -50.89
N PHE A 295 10.29 4.88 -49.83
CA PHE A 295 9.25 5.86 -49.52
C PHE A 295 9.03 6.80 -50.70
N GLN A 296 10.12 7.33 -51.26
CA GLN A 296 10.01 8.23 -52.40
C GLN A 296 9.48 7.49 -53.63
N ASN A 297 9.91 6.24 -53.83
CA ASN A 297 9.42 5.47 -54.97
C ASN A 297 7.92 5.23 -54.90
N LEU A 298 7.40 4.90 -53.72
CA LEU A 298 5.95 4.74 -53.59
C LEU A 298 5.22 6.07 -53.63
N LEU A 299 5.86 7.14 -53.15
CA LEU A 299 5.26 8.47 -53.22
C LEU A 299 5.09 8.93 -54.66
N ASP A 300 6.05 8.58 -55.53
CA ASP A 300 5.90 8.89 -56.95
C ASP A 300 4.69 8.19 -57.53
N ALA A 301 4.47 6.93 -57.17
CA ALA A 301 3.26 6.21 -57.54
C ALA A 301 2.11 6.59 -56.62
N ASP A 302 1.00 5.86 -56.76
CA ASP A 302 -0.19 6.10 -55.95
C ASP A 302 -0.42 5.02 -54.90
N LYS A 303 0.62 4.30 -54.49
CA LYS A 303 0.47 3.26 -53.49
C LYS A 303 0.17 3.90 -52.13
N ASN A 304 -0.90 3.42 -51.49
CA ASN A 304 -1.36 4.02 -50.24
C ASN A 304 -1.33 3.08 -49.04
N GLU A 305 -1.75 1.82 -49.21
CA GLU A 305 -1.63 0.86 -48.11
C GLU A 305 -0.18 0.57 -47.77
N ASP A 306 0.69 0.59 -48.78
CA ASP A 306 2.12 0.40 -48.55
C ASP A 306 2.68 1.52 -47.67
N LEU A 307 2.27 2.77 -47.94
CA LEU A 307 2.70 3.88 -47.09
C LEU A 307 2.16 3.74 -45.67
N GLY A 308 0.93 3.25 -45.53
CA GLY A 308 0.40 3.00 -44.19
C GLY A 308 1.20 1.96 -43.44
N ARG A 309 1.59 0.88 -44.12
CA ARG A 309 2.42 -0.13 -43.48
C ARG A 309 3.79 0.43 -43.12
N MET A 310 4.37 1.25 -43.99
CA MET A 310 5.65 1.90 -43.70
C MET A 310 5.54 2.76 -42.44
N TYR A 311 4.48 3.56 -42.36
CA TYR A 311 4.29 4.43 -41.21
C TYR A 311 4.07 3.62 -39.94
N ASN A 312 3.31 2.54 -40.03
CA ASN A 312 3.06 1.69 -38.86
C ASN A 312 4.36 1.05 -38.38
N LEU A 313 5.19 0.57 -39.30
CA LEU A 313 6.45 -0.06 -38.91
C LEU A 313 7.42 0.94 -38.31
N VAL A 314 7.57 2.10 -38.95
CA VAL A 314 8.52 3.11 -38.47
C VAL A 314 8.06 3.76 -37.17
N SER A 315 6.75 3.94 -36.97
CA SER A 315 6.24 4.59 -35.77
C SER A 315 6.62 3.84 -34.50
N ARG A 316 6.77 2.52 -34.58
CA ARG A 316 7.22 1.76 -33.43
C ARG A 316 8.63 2.17 -32.98
N ILE A 317 9.42 2.73 -33.87
CA ILE A 317 10.80 3.12 -33.58
C ILE A 317 10.87 4.64 -33.51
N GLN A 318 11.23 5.16 -32.34
CA GLN A 318 11.44 6.59 -32.18
C GLN A 318 12.75 7.01 -32.83
N ASP A 319 12.95 8.33 -32.95
CA ASP A 319 14.18 8.90 -33.48
C ASP A 319 14.44 8.41 -34.91
N GLY A 320 13.57 8.87 -35.82
CA GLY A 320 13.62 8.41 -37.19
C GLY A 320 12.28 8.38 -37.90
N LEU A 321 11.20 8.65 -37.18
CA LEU A 321 9.92 8.91 -37.84
C LEU A 321 9.96 10.21 -38.61
N GLY A 322 10.75 11.18 -38.15
CA GLY A 322 10.81 12.50 -38.76
C GLY A 322 11.67 12.62 -40.00
N GLU A 323 12.44 11.58 -40.35
CA GLU A 323 13.23 11.63 -41.57
C GLU A 323 12.36 11.49 -42.81
N LEU A 324 11.37 10.61 -42.78
CA LEU A 324 10.41 10.48 -43.89
C LEU A 324 9.20 11.39 -43.67
N LYS A 325 9.49 12.65 -43.36
CA LYS A 325 8.47 13.66 -43.18
C LYS A 325 8.86 14.90 -43.96
N LYS A 326 10.17 15.05 -44.20
CA LYS A 326 10.65 16.08 -45.10
C LYS A 326 10.54 15.65 -46.56
N LEU A 327 10.67 14.35 -46.82
CA LEU A 327 10.50 13.85 -48.18
C LEU A 327 9.09 14.11 -48.69
N LEU A 328 8.08 13.87 -47.84
CA LEU A 328 6.71 14.18 -48.21
C LEU A 328 6.51 15.68 -48.40
N GLU A 329 7.12 16.48 -47.53
CA GLU A 329 6.99 17.94 -47.62
C GLU A 329 7.62 18.47 -48.90
N THR A 330 8.69 17.84 -49.38
CA THR A 330 9.28 18.22 -50.65
C THR A 330 8.47 17.71 -51.83
N HIS A 331 7.94 16.48 -51.73
CA HIS A 331 7.16 15.91 -52.82
C HIS A 331 5.89 16.70 -53.08
N ILE A 332 5.20 17.12 -52.01
CA ILE A 332 3.97 17.89 -52.21
C ILE A 332 4.29 19.24 -52.84
N HIS A 333 5.41 19.85 -52.46
CA HIS A 333 5.81 21.13 -53.05
C HIS A 333 6.12 20.97 -54.54
N ASN A 334 6.84 19.90 -54.90
CA ASN A 334 7.12 19.64 -56.30
C ASN A 334 5.84 19.39 -57.09
N GLN A 335 4.90 18.61 -56.52
CA GLN A 335 3.63 18.40 -57.20
C GLN A 335 2.84 19.70 -57.32
N GLY A 336 3.01 20.61 -56.36
CA GLY A 336 2.36 21.91 -56.47
C GLY A 336 2.94 22.74 -57.60
N LEU A 337 4.26 22.73 -57.77
CA LEU A 337 4.89 23.48 -58.85
C LEU A 337 4.76 22.77 -60.19
N ALA A 338 4.32 21.53 -60.16
CA ALA A 338 4.18 20.80 -61.42
C ALA A 338 2.85 21.08 -62.12
N ALA A 339 1.75 21.12 -61.38
CA ALA A 339 0.45 21.38 -62.00
C ALA A 339 0.31 22.81 -62.47
N ILE A 340 0.96 23.76 -61.80
CA ILE A 340 0.85 25.16 -62.20
C ILE A 340 1.72 25.44 -63.42
N GLU A 341 2.81 24.69 -63.59
CA GLU A 341 3.53 24.73 -64.86
C GLU A 341 2.74 24.04 -65.96
N LYS A 342 2.10 22.92 -65.64
CA LYS A 342 1.16 22.32 -66.59
C LYS A 342 -0.10 23.14 -66.74
N CYS A 343 -0.34 24.13 -65.86
CA CYS A 343 -1.49 25.01 -66.02
C CYS A 343 -1.41 25.82 -67.31
N GLY A 344 -0.23 26.31 -67.64
CA GLY A 344 -0.04 27.08 -68.86
C GLY A 344 -0.03 28.57 -68.65
N GLU A 345 -0.39 29.32 -69.69
CA GLU A 345 -0.42 30.78 -69.63
C GLU A 345 -1.80 31.33 -69.25
N ALA A 346 -2.84 30.50 -69.27
CA ALA A 346 -4.18 30.97 -68.95
C ALA A 346 -4.36 31.24 -67.47
N ALA A 347 -3.52 30.66 -66.61
CA ALA A 347 -3.67 30.86 -65.17
C ALA A 347 -3.52 32.32 -64.76
N LEU A 348 -2.88 33.14 -65.59
CA LEU A 348 -2.77 34.56 -65.29
C LEU A 348 -4.11 35.25 -65.38
N ASN A 349 -5.01 34.78 -66.24
CA ASN A 349 -6.30 35.40 -66.46
C ASN A 349 -7.46 34.45 -66.15
N ASP A 350 -7.18 33.35 -65.46
CA ASP A 350 -8.21 32.38 -65.09
C ASP A 350 -8.10 32.08 -63.61
N PRO A 351 -8.68 32.94 -62.76
CA PRO A 351 -8.61 32.69 -61.31
C PRO A 351 -9.20 31.35 -60.89
N LYS A 352 -10.30 30.93 -61.51
CA LYS A 352 -10.97 29.70 -61.10
C LYS A 352 -10.05 28.49 -61.26
N MET A 353 -9.39 28.38 -62.41
CA MET A 353 -8.49 27.26 -62.65
C MET A 353 -7.29 27.32 -61.72
N TYR A 354 -6.75 28.51 -61.48
CA TYR A 354 -5.62 28.66 -60.57
C TYR A 354 -5.96 28.19 -59.17
N VAL A 355 -7.15 28.57 -58.67
CA VAL A 355 -7.55 28.12 -57.34
C VAL A 355 -7.85 26.62 -57.33
N GLN A 356 -8.47 26.11 -58.40
CA GLN A 356 -8.83 24.69 -58.42
C GLN A 356 -7.60 23.80 -58.44
N THR A 357 -6.53 24.24 -59.12
CA THR A 357 -5.30 23.45 -59.13
C THR A 357 -4.76 23.22 -57.73
N VAL A 358 -4.58 24.32 -56.98
CA VAL A 358 -4.05 24.19 -55.63
C VAL A 358 -5.05 23.49 -54.72
N LEU A 359 -6.35 23.63 -55.00
CA LEU A 359 -7.35 22.93 -54.18
C LEU A 359 -7.25 21.42 -54.35
N ASP A 360 -7.11 20.95 -55.59
CA ASP A 360 -6.95 19.51 -55.81
C ASP A 360 -5.63 19.01 -55.22
N VAL A 361 -4.56 19.79 -55.39
CA VAL A 361 -3.27 19.38 -54.82
C VAL A 361 -3.38 19.25 -53.30
N HIS A 362 -4.04 20.20 -52.65
CA HIS A 362 -4.27 20.10 -51.21
C HIS A 362 -5.16 18.92 -50.85
N LYS A 363 -6.24 18.69 -51.59
CA LYS A 363 -7.20 17.64 -51.26
C LYS A 363 -6.58 16.26 -51.32
N LYS A 364 -5.83 15.97 -52.38
CA LYS A 364 -5.25 14.64 -52.53
C LYS A 364 -4.34 14.28 -51.37
N TYR A 365 -3.41 15.18 -51.04
CA TYR A 365 -2.46 14.88 -49.98
C TYR A 365 -3.04 15.05 -48.58
N ASN A 366 -4.06 15.88 -48.41
CA ASN A 366 -4.76 15.90 -47.13
C ASN A 366 -5.48 14.57 -46.88
N ALA A 367 -6.12 14.01 -47.91
CA ALA A 367 -6.70 12.69 -47.79
C ALA A 367 -5.63 11.64 -47.51
N LEU A 368 -4.48 11.76 -48.18
CA LEU A 368 -3.39 10.83 -47.93
C LEU A 368 -2.93 10.89 -46.48
N VAL A 369 -2.77 12.09 -45.93
CA VAL A 369 -2.31 12.23 -44.55
C VAL A 369 -3.36 11.70 -43.58
N MET A 370 -4.64 12.02 -43.82
CA MET A 370 -5.69 11.56 -42.93
C MET A 370 -5.81 10.04 -42.94
N SER A 371 -5.68 9.43 -44.11
CA SER A 371 -5.84 7.97 -44.24
C SER A 371 -4.58 7.22 -43.83
N ALA A 372 -3.44 7.54 -44.46
CA ALA A 372 -2.24 6.76 -44.27
C ALA A 372 -1.59 7.05 -42.91
N PHE A 373 -1.16 8.30 -42.70
CA PHE A 373 -0.37 8.63 -41.52
C PHE A 373 -1.24 9.10 -40.34
N ASN A 374 -2.30 8.35 -40.08
CA ASN A 374 -3.12 8.44 -38.86
C ASN A 374 -3.38 9.87 -38.40
N ASN A 375 -3.52 10.81 -39.33
CA ASN A 375 -3.77 12.22 -39.01
C ASN A 375 -2.76 12.75 -38.00
N ASP A 376 -1.50 12.33 -38.15
CA ASP A 376 -0.46 12.76 -37.22
C ASP A 376 -0.16 14.24 -37.38
N ALA A 377 0.08 14.90 -36.24
CA ALA A 377 0.25 16.35 -36.24
C ALA A 377 1.46 16.76 -37.07
N GLY A 378 2.55 16.00 -37.00
CA GLY A 378 3.73 16.33 -37.77
C GLY A 378 3.49 16.29 -39.27
N PHE A 379 2.74 15.29 -39.74
CA PHE A 379 2.50 15.17 -41.17
C PHE A 379 1.56 16.26 -41.69
N VAL A 380 0.50 16.58 -40.94
CA VAL A 380 -0.35 17.71 -41.31
C VAL A 380 0.46 18.99 -41.33
N ALA A 381 1.30 19.20 -40.31
CA ALA A 381 2.16 20.38 -40.30
C ALA A 381 3.07 20.43 -41.51
N ALA A 382 3.63 19.29 -41.93
CA ALA A 382 4.41 19.24 -43.16
C ALA A 382 3.55 19.60 -44.36
N LEU A 383 2.25 19.27 -44.31
CA LEU A 383 1.35 19.66 -45.40
C LEU A 383 1.17 21.16 -45.53
N ASP A 384 1.07 21.90 -44.42
CA ASP A 384 0.84 23.34 -44.48
C ASP A 384 2.12 24.15 -44.62
N LYS A 385 3.30 23.54 -44.45
CA LYS A 385 4.55 24.24 -44.68
C LYS A 385 5.00 24.17 -46.13
N ALA A 386 4.35 23.35 -46.97
CA ALA A 386 4.60 23.32 -48.39
C ALA A 386 3.48 23.93 -49.20
N CYS A 387 2.24 23.90 -48.71
CA CYS A 387 1.14 24.57 -49.37
C CYS A 387 1.30 26.09 -49.38
N GLY A 388 1.96 26.65 -48.37
CA GLY A 388 2.24 28.07 -48.34
C GLY A 388 3.48 28.43 -49.12
N ARG A 389 4.11 27.43 -49.74
CA ARG A 389 5.33 27.66 -50.51
C ARG A 389 5.15 27.34 -52.00
N PHE A 390 3.95 26.95 -52.44
CA PHE A 390 3.63 26.93 -53.86
C PHE A 390 2.37 27.74 -54.16
N ILE A 391 1.82 28.42 -53.16
CA ILE A 391 0.73 29.36 -53.36
C ILE A 391 1.25 30.79 -53.51
N ASN A 392 2.31 31.13 -52.79
CA ASN A 392 2.83 32.50 -52.77
C ASN A 392 3.89 32.75 -53.83
N ASN A 393 4.96 31.95 -53.84
CA ASN A 393 6.12 32.18 -54.69
C ASN A 393 6.31 31.07 -55.73
N ASN A 394 5.20 30.60 -56.31
CA ASN A 394 5.24 29.64 -57.39
C ASN A 394 5.26 30.40 -58.72
N ALA A 395 4.97 29.71 -59.82
CA ALA A 395 4.88 30.35 -61.13
C ALA A 395 3.68 31.30 -61.15
N VAL A 396 3.45 31.95 -62.29
CA VAL A 396 2.43 32.99 -62.43
C VAL A 396 2.77 34.18 -61.53
N THR A 397 3.01 33.90 -60.25
CA THR A 397 3.49 34.93 -59.32
C THR A 397 4.92 35.31 -59.65
N LYS A 398 5.55 34.54 -60.54
CA LYS A 398 6.90 34.85 -61.01
C LYS A 398 6.79 35.47 -62.40
N MET A 399 5.83 34.99 -63.19
CA MET A 399 5.59 35.56 -64.51
C MET A 399 5.14 37.00 -64.41
N ALA A 400 4.31 37.31 -63.41
CA ALA A 400 3.80 38.67 -63.21
C ALA A 400 4.76 39.46 -62.34
N GLN A 401 5.89 38.84 -61.97
CA GLN A 401 6.94 39.49 -61.18
C GLN A 401 6.41 40.03 -59.87
N SER A 402 5.48 39.30 -59.23
CA SER A 402 4.90 39.74 -57.97
C SER A 402 4.27 38.58 -57.23
N SER A 403 4.60 38.44 -55.94
CA SER A 403 4.00 37.42 -55.09
C SER A 403 2.61 37.81 -54.63
N SER A 404 2.14 38.99 -55.03
CA SER A 404 0.81 39.46 -54.69
C SER A 404 -0.21 39.12 -55.78
N LYS A 405 0.21 38.38 -56.81
CA LYS A 405 -0.69 37.91 -57.86
C LYS A 405 -1.59 36.79 -57.39
N SER A 406 -1.23 36.10 -56.31
CA SER A 406 -2.06 35.03 -55.76
C SER A 406 -3.25 35.60 -54.97
N PRO A 407 -3.05 36.57 -54.06
CA PRO A 407 -4.22 37.19 -53.43
C PRO A 407 -5.17 37.84 -54.43
N GLU A 408 -4.63 38.44 -55.49
CA GLU A 408 -5.48 39.06 -56.50
C GLU A 408 -6.35 38.03 -57.21
N LEU A 409 -5.76 36.87 -57.53
CA LEU A 409 -6.53 35.83 -58.21
C LEU A 409 -7.61 35.26 -57.31
N LEU A 410 -7.32 35.05 -56.02
CA LEU A 410 -8.33 34.57 -55.09
C LEU A 410 -9.44 35.60 -54.92
N ALA A 411 -9.07 36.88 -54.85
CA ALA A 411 -10.06 37.95 -54.74
C ALA A 411 -10.95 38.01 -55.97
N ARG A 412 -10.38 37.81 -57.16
CA ARG A 412 -11.19 37.77 -58.37
C ARG A 412 -12.07 36.53 -58.39
N TYR A 413 -11.57 35.41 -57.87
CA TYR A 413 -12.36 34.17 -57.87
C TYR A 413 -13.57 34.28 -56.96
N CYS A 414 -13.38 34.79 -55.74
CA CYS A 414 -14.50 34.88 -54.81
C CYS A 414 -15.53 35.89 -55.32
N ASP A 415 -15.09 36.92 -56.04
CA ASP A 415 -16.02 37.84 -56.67
C ASP A 415 -16.79 37.14 -57.80
N SER A 416 -16.08 36.45 -58.69
CA SER A 416 -16.72 35.81 -59.83
C SER A 416 -17.69 34.73 -59.39
N LEU A 417 -17.45 34.12 -58.23
CA LEU A 417 -18.39 33.16 -57.68
C LEU A 417 -19.54 33.81 -56.91
N LEU A 418 -19.27 34.89 -56.18
CA LEU A 418 -20.30 35.59 -55.42
C LEU A 418 -20.72 36.86 -56.17
N LYS A 419 -21.32 36.66 -57.35
CA LYS A 419 -21.76 37.77 -58.18
C LYS A 419 -22.97 37.34 -58.99
N LYS A 420 -23.85 38.30 -59.25
CA LYS A 420 -25.06 38.04 -60.03
C LYS A 420 -24.69 37.52 -61.41
N SER A 421 -25.36 36.45 -61.83
CA SER A 421 -25.10 35.84 -63.13
C SER A 421 -26.37 35.20 -63.69
N GLU A 427 -27.51 27.07 -53.73
CA GLU A 427 -27.02 27.82 -52.58
C GLU A 427 -26.07 26.95 -51.74
N ALA A 428 -26.31 25.65 -51.75
CA ALA A 428 -25.44 24.73 -51.02
C ALA A 428 -24.02 24.74 -51.56
N GLU A 429 -23.87 24.81 -52.89
CA GLU A 429 -22.55 24.87 -53.48
C GLU A 429 -21.84 26.17 -53.12
N LEU A 430 -22.62 27.23 -52.88
CA LEU A 430 -22.04 28.54 -52.61
C LEU A 430 -21.68 28.62 -51.13
N GLU A 431 -21.65 27.47 -50.46
CA GLU A 431 -21.17 27.39 -49.08
C GLU A 431 -19.89 26.55 -49.01
N ASP A 432 -19.92 25.32 -49.53
CA ASP A 432 -18.69 24.53 -49.57
C ASP A 432 -17.66 25.14 -50.50
N THR A 433 -18.11 25.85 -51.53
CA THR A 433 -17.17 26.56 -52.40
C THR A 433 -16.45 27.67 -51.63
N LEU A 434 -17.18 28.43 -50.81
CA LEU A 434 -16.52 29.46 -50.01
C LEU A 434 -15.66 28.85 -48.91
N ASN A 435 -16.02 27.67 -48.41
CA ASN A 435 -15.14 26.97 -47.49
C ASN A 435 -13.83 26.56 -48.19
N GLN A 436 -13.93 26.12 -49.44
CA GLN A 436 -12.74 25.80 -50.21
C GLN A 436 -11.92 27.04 -50.54
N VAL A 437 -12.57 28.19 -50.59
CA VAL A 437 -11.83 29.45 -50.66
C VAL A 437 -11.13 29.73 -49.33
N MET A 438 -11.81 29.44 -48.22
CA MET A 438 -11.23 29.69 -46.90
C MET A 438 -9.99 28.85 -46.66
N VAL A 439 -9.99 27.59 -47.08
CA VAL A 439 -8.86 26.73 -46.78
C VAL A 439 -7.58 27.23 -47.47
N VAL A 440 -7.69 27.71 -48.71
CA VAL A 440 -6.53 28.30 -49.38
C VAL A 440 -6.24 29.71 -48.88
N PHE A 441 -7.24 30.40 -48.30
CA PHE A 441 -7.01 31.73 -47.73
C PHE A 441 -5.96 31.70 -46.62
N LYS A 442 -5.88 30.61 -45.87
CA LYS A 442 -4.96 30.56 -44.73
C LYS A 442 -3.49 30.60 -45.13
N TYR A 443 -3.17 30.22 -46.36
CA TYR A 443 -1.79 30.09 -46.79
C TYR A 443 -1.26 31.31 -47.55
N ILE A 444 -2.04 32.39 -47.64
CA ILE A 444 -1.62 33.54 -48.42
C ILE A 444 -0.44 34.26 -47.76
N GLU A 445 -0.46 34.39 -46.44
CA GLU A 445 0.57 35.03 -45.62
C GLU A 445 0.66 36.54 -45.84
N ASP A 446 -0.17 37.12 -46.71
CA ASP A 446 -0.25 38.57 -46.88
C ASP A 446 -1.68 38.93 -47.26
N LYS A 447 -2.38 39.61 -46.35
CA LYS A 447 -3.80 39.84 -46.51
C LYS A 447 -4.15 41.24 -46.97
N ASP A 448 -3.20 42.19 -46.93
CA ASP A 448 -3.51 43.56 -47.31
C ASP A 448 -3.99 43.64 -48.75
N VAL A 449 -3.33 42.91 -49.64
CA VAL A 449 -3.76 42.89 -51.05
C VAL A 449 -5.15 42.27 -51.17
N PHE A 450 -5.39 41.18 -50.44
CA PHE A 450 -6.69 40.52 -50.52
C PHE A 450 -7.81 41.43 -50.03
N GLN A 451 -7.62 42.05 -48.85
CA GLN A 451 -8.63 42.96 -48.34
C GLN A 451 -8.86 44.14 -49.27
N LYS A 452 -7.78 44.73 -49.79
CA LYS A 452 -7.92 45.87 -50.69
C LYS A 452 -8.71 45.49 -51.94
N PHE A 453 -8.34 44.38 -52.59
CA PHE A 453 -9.02 43.98 -53.82
C PHE A 453 -10.47 43.60 -53.53
N TYR A 454 -10.70 42.85 -52.44
CA TYR A 454 -12.06 42.42 -52.12
C TYR A 454 -12.96 43.62 -51.83
N ALA A 455 -12.46 44.60 -51.08
CA ALA A 455 -13.24 45.82 -50.86
C ALA A 455 -13.48 46.56 -52.16
N LYS A 456 -12.46 46.61 -53.04
CA LYS A 456 -12.60 47.33 -54.30
C LYS A 456 -13.71 46.74 -55.16
N MET A 457 -13.80 45.41 -55.23
CA MET A 457 -14.88 44.82 -56.02
C MET A 457 -16.20 44.76 -55.26
N LEU A 458 -16.17 44.65 -53.93
CA LEU A 458 -17.42 44.63 -53.16
C LEU A 458 -18.13 45.96 -53.21
N ALA A 459 -17.38 47.07 -53.22
CA ALA A 459 -18.01 48.37 -53.35
C ALA A 459 -18.77 48.48 -54.68
N LYS A 460 -18.14 48.05 -55.77
CA LYS A 460 -18.80 48.08 -57.07
C LYS A 460 -20.00 47.14 -57.10
N ARG A 461 -19.88 45.97 -56.48
CA ARG A 461 -21.01 45.03 -56.44
C ARG A 461 -22.18 45.61 -55.67
N LEU A 462 -21.92 46.19 -54.49
CA LEU A 462 -23.00 46.70 -53.65
C LEU A 462 -23.65 47.93 -54.26
N VAL A 463 -22.85 48.83 -54.84
CA VAL A 463 -23.40 50.04 -55.44
C VAL A 463 -24.36 49.69 -56.59
N HIS A 464 -23.95 48.76 -57.44
CA HIS A 464 -24.76 48.32 -58.57
C HIS A 464 -25.72 47.20 -58.21
N GLN A 465 -25.73 46.76 -56.94
CA GLN A 465 -26.61 45.68 -56.48
C GLN A 465 -26.41 44.41 -57.31
N ASN A 466 -25.16 44.09 -57.62
CA ASN A 466 -24.81 42.88 -58.35
C ASN A 466 -24.46 41.76 -57.38
N SER A 467 -25.39 41.49 -56.47
CA SER A 467 -25.18 40.48 -55.44
C SER A 467 -26.37 39.53 -55.43
N ALA A 468 -26.08 38.26 -55.18
CA ALA A 468 -27.10 37.23 -55.06
C ALA A 468 -26.99 36.57 -53.70
N SER A 469 -28.10 36.53 -52.97
CA SER A 469 -28.16 35.96 -51.62
C SER A 469 -27.18 36.68 -50.69
N ASP A 470 -27.53 37.94 -50.40
CA ASP A 470 -26.70 38.80 -49.54
C ASP A 470 -26.26 38.11 -48.25
N ASP A 471 -27.03 37.13 -47.79
CA ASP A 471 -26.59 36.35 -46.62
C ASP A 471 -25.29 35.62 -46.89
N ALA A 472 -25.01 35.30 -48.16
CA ALA A 472 -23.70 34.74 -48.50
C ALA A 472 -22.58 35.73 -48.22
N GLU A 473 -22.81 37.01 -48.56
CA GLU A 473 -21.81 38.03 -48.24
C GLU A 473 -21.68 38.23 -46.73
N ALA A 474 -22.80 38.16 -46.01
CA ALA A 474 -22.74 38.23 -44.55
C ALA A 474 -21.91 37.09 -43.98
N SER A 475 -22.11 35.88 -44.50
CA SER A 475 -21.32 34.74 -44.08
C SER A 475 -19.85 34.89 -44.46
N MET A 476 -19.57 35.51 -45.62
CA MET A 476 -18.20 35.78 -46.00
C MET A 476 -17.53 36.72 -45.00
N ILE A 477 -18.23 37.79 -44.62
CA ILE A 477 -17.68 38.71 -43.62
C ILE A 477 -17.49 38.01 -42.28
N SER A 478 -18.44 37.15 -41.88
CA SER A 478 -18.30 36.43 -40.63
C SER A 478 -17.11 35.47 -40.67
N LYS A 479 -16.90 34.80 -41.81
CA LYS A 479 -15.76 33.90 -41.95
C LYS A 479 -14.45 34.66 -41.86
N LEU A 480 -14.38 35.82 -42.51
CA LEU A 480 -13.16 36.63 -42.42
C LEU A 480 -12.94 37.14 -41.01
N LYS A 481 -14.02 37.47 -40.30
CA LYS A 481 -13.91 37.91 -38.91
C LYS A 481 -13.39 36.78 -38.03
N GLN A 482 -13.87 35.56 -38.24
CA GLN A 482 -13.38 34.42 -37.49
C GLN A 482 -11.89 34.20 -37.74
N ALA A 483 -11.45 34.35 -38.98
CA ALA A 483 -10.03 34.29 -39.32
C ALA A 483 -9.39 35.63 -39.00
N CYS A 484 -8.19 35.86 -39.52
CA CYS A 484 -7.48 37.13 -39.30
C CYS A 484 -8.20 38.27 -40.01
N PRO B 2 -20.42 -35.04 1.26
CA PRO B 2 -19.13 -35.07 1.96
C PRO B 2 -19.23 -35.68 3.35
N SER B 3 -18.40 -36.68 3.63
CA SER B 3 -18.40 -37.35 4.91
C SER B 3 -17.07 -38.07 5.09
N ILE B 4 -16.53 -38.01 6.30
CA ILE B 4 -15.24 -38.61 6.62
C ILE B 4 -15.37 -39.41 7.92
N LYS B 5 -14.78 -40.60 7.93
CA LYS B 5 -14.84 -41.52 9.06
C LYS B 5 -13.47 -41.58 9.72
N LEU B 6 -13.43 -41.32 11.02
CA LEU B 6 -12.21 -41.41 11.81
C LEU B 6 -12.33 -42.50 12.86
N GLN B 7 -11.19 -42.85 13.46
CA GLN B 7 -11.12 -43.91 14.45
C GLN B 7 -10.26 -43.46 15.62
N SER B 8 -10.73 -43.76 16.83
CA SER B 8 -9.99 -43.43 18.04
C SER B 8 -8.90 -44.47 18.30
N SER B 9 -8.05 -44.19 19.29
CA SER B 9 -6.95 -45.10 19.61
C SER B 9 -7.46 -46.44 20.14
N ASP B 10 -8.50 -46.42 20.98
CA ASP B 10 -9.01 -47.65 21.58
C ASP B 10 -9.81 -48.50 20.60
N GLY B 11 -10.40 -47.89 19.57
CA GLY B 11 -11.09 -48.67 18.56
C GLY B 11 -12.51 -48.22 18.27
N GLU B 12 -12.87 -47.01 18.66
CA GLU B 12 -14.18 -46.46 18.37
C GLU B 12 -14.14 -45.65 17.08
N ILE B 13 -15.21 -45.78 16.29
CA ILE B 13 -15.27 -45.21 14.95
C ILE B 13 -16.37 -44.15 14.92
N PHE B 14 -16.04 -42.98 14.37
CA PHE B 14 -16.97 -41.86 14.29
C PHE B 14 -17.07 -41.38 12.85
N GLU B 15 -18.25 -40.90 12.48
CA GLU B 15 -18.48 -40.32 11.16
C GLU B 15 -18.86 -38.85 11.31
N VAL B 16 -18.11 -37.97 10.64
CA VAL B 16 -18.34 -36.53 10.75
C VAL B 16 -18.36 -35.93 9.34
N ASP B 17 -18.93 -34.72 9.26
CA ASP B 17 -18.95 -33.99 8.01
C ASP B 17 -17.53 -33.50 7.67
N VAL B 18 -17.32 -33.27 6.37
CA VAL B 18 -16.00 -32.85 5.90
C VAL B 18 -15.63 -31.48 6.48
N GLU B 19 -16.58 -30.56 6.49
CA GLU B 19 -16.29 -29.20 6.95
C GLU B 19 -15.95 -29.18 8.43
N ILE B 20 -16.53 -30.08 9.21
CA ILE B 20 -16.20 -30.15 10.64
C ILE B 20 -14.76 -30.59 10.83
N ALA B 21 -14.34 -31.60 10.07
CA ALA B 21 -12.97 -32.10 10.19
C ALA B 21 -11.95 -31.14 9.59
N LYS B 22 -12.36 -30.32 8.62
CA LYS B 22 -11.44 -29.39 7.99
C LYS B 22 -11.00 -28.27 8.93
N GLN B 23 -11.68 -28.10 10.06
CA GLN B 23 -11.19 -27.16 11.07
C GLN B 23 -9.89 -27.64 11.70
N SER B 24 -9.52 -28.90 11.49
CA SER B 24 -8.21 -29.40 11.85
C SER B 24 -7.28 -29.23 10.64
N VAL B 25 -6.19 -28.50 10.84
CA VAL B 25 -5.30 -28.19 9.72
C VAL B 25 -4.65 -29.45 9.17
N THR B 26 -4.35 -30.41 10.05
CA THR B 26 -3.70 -31.65 9.62
C THR B 26 -4.57 -32.43 8.65
N ILE B 27 -5.84 -32.63 9.01
CA ILE B 27 -6.74 -33.40 8.15
C ILE B 27 -7.03 -32.65 6.86
N LYS B 28 -7.15 -31.32 6.93
CA LYS B 28 -7.35 -30.53 5.72
C LYS B 28 -6.17 -30.66 4.77
N THR B 29 -4.94 -30.57 5.30
CA THR B 29 -3.75 -30.72 4.47
C THR B 29 -3.67 -32.12 3.89
N MET B 30 -4.06 -33.13 4.66
CA MET B 30 -4.10 -34.50 4.13
C MET B 30 -5.09 -34.60 2.97
N LEU B 31 -6.29 -34.02 3.13
CA LEU B 31 -7.30 -34.15 2.11
C LEU B 31 -6.97 -33.33 0.87
N GLU B 32 -6.17 -32.27 1.02
CA GLU B 32 -5.84 -31.43 -0.13
C GLU B 32 -4.70 -32.02 -0.95
N ASP B 33 -3.57 -32.31 -0.30
CA ASP B 33 -2.31 -32.58 -1.01
C ASP B 33 -2.00 -34.07 -0.99
N LEU B 34 -3.05 -34.89 -0.99
CA LEU B 34 -2.87 -36.33 -1.13
C LEU B 34 -3.76 -36.88 -2.24
N GLY B 35 -4.97 -36.33 -2.37
CA GLY B 35 -5.91 -36.80 -3.36
C GLY B 35 -7.21 -37.30 -2.76
N GLY B 40 -11.18 -43.09 -2.50
CA GLY B 40 -12.17 -44.09 -2.88
C GLY B 40 -12.36 -45.16 -1.83
N ASP B 41 -13.59 -45.67 -1.73
CA ASP B 41 -13.93 -46.70 -0.75
C ASP B 41 -13.58 -46.24 0.66
N ASP B 42 -14.26 -45.21 1.15
CA ASP B 42 -13.99 -44.59 2.44
C ASP B 42 -13.75 -45.61 3.54
N ASP B 43 -12.60 -45.51 4.21
CA ASP B 43 -12.19 -46.45 5.23
C ASP B 43 -11.78 -45.66 6.47
N PRO B 44 -11.84 -46.28 7.65
CA PRO B 44 -11.48 -45.55 8.89
C PRO B 44 -10.07 -44.98 8.87
N VAL B 45 -9.96 -43.67 9.06
CA VAL B 45 -8.66 -43.02 9.22
C VAL B 45 -8.31 -43.03 10.69
N PRO B 46 -7.26 -43.73 11.10
CA PRO B 46 -6.96 -43.86 12.54
C PRO B 46 -6.15 -42.71 13.10
N LEU B 47 -6.49 -42.34 14.34
CA LEU B 47 -5.76 -41.31 15.09
C LEU B 47 -5.16 -41.99 16.32
N PRO B 48 -3.90 -42.40 16.26
CA PRO B 48 -3.32 -43.16 17.37
C PRO B 48 -3.11 -42.36 18.64
N ASN B 49 -3.10 -41.02 18.58
CA ASN B 49 -2.79 -40.19 19.73
C ASN B 49 -4.04 -39.64 20.43
N VAL B 50 -5.23 -39.99 19.95
CA VAL B 50 -6.48 -39.50 20.53
C VAL B 50 -7.36 -40.70 20.84
N ASN B 51 -7.90 -40.76 22.06
CA ASN B 51 -8.81 -41.81 22.45
C ASN B 51 -10.26 -41.38 22.24
N ALA B 52 -11.20 -42.17 22.78
CA ALA B 52 -12.61 -41.97 22.47
C ALA B 52 -13.17 -40.70 23.12
N ALA B 53 -12.88 -40.49 24.40
CA ALA B 53 -13.52 -39.39 25.13
C ALA B 53 -13.06 -38.04 24.58
N ILE B 54 -11.75 -37.86 24.41
CA ILE B 54 -11.25 -36.60 23.90
C ILE B 54 -11.70 -36.39 22.46
N LEU B 55 -11.78 -37.47 21.69
CA LEU B 55 -12.29 -37.35 20.32
C LEU B 55 -13.73 -36.87 20.32
N LYS B 56 -14.56 -37.40 21.22
CA LYS B 56 -15.94 -36.92 21.33
C LYS B 56 -15.98 -35.44 21.72
N LYS B 57 -15.13 -35.06 22.68
CA LYS B 57 -15.11 -33.66 23.13
C LYS B 57 -14.74 -32.72 21.98
N VAL B 58 -13.68 -33.05 21.24
CA VAL B 58 -13.28 -32.20 20.14
C VAL B 58 -14.30 -32.24 19.00
N ILE B 59 -14.95 -33.38 18.77
CA ILE B 59 -15.99 -33.43 17.75
C ILE B 59 -17.12 -32.47 18.10
N GLN B 60 -17.55 -32.47 19.37
CA GLN B 60 -18.57 -31.53 19.80
C GLN B 60 -18.09 -30.09 19.67
N TRP B 61 -16.85 -29.82 20.07
CA TRP B 61 -16.34 -28.46 20.06
C TRP B 61 -16.30 -27.89 18.65
N CYS B 62 -15.78 -28.65 17.69
CA CYS B 62 -15.78 -28.18 16.31
C CYS B 62 -17.15 -28.29 15.66
N THR B 63 -18.06 -29.07 16.22
CA THR B 63 -19.44 -29.03 15.76
C THR B 63 -20.10 -27.71 16.09
N HIS B 64 -19.87 -27.21 17.30
CA HIS B 64 -20.41 -25.89 17.66
C HIS B 64 -19.76 -24.78 16.85
N HIS B 65 -18.42 -24.77 16.81
CA HIS B 65 -17.67 -23.66 16.21
C HIS B 65 -17.45 -23.90 14.71
N LYS B 66 -18.56 -23.95 13.98
CA LYS B 66 -18.53 -24.13 12.53
C LYS B 66 -18.83 -22.84 11.77
N ASP B 67 -19.22 -21.77 12.45
CA ASP B 67 -19.60 -20.53 11.79
C ASP B 67 -18.78 -19.33 12.25
N ASP B 68 -17.74 -19.54 13.05
CA ASP B 68 -16.91 -18.43 13.52
C ASP B 68 -16.03 -17.93 12.39
N PRO B 69 -16.12 -16.65 12.04
CA PRO B 69 -15.28 -16.12 10.96
C PRO B 69 -13.89 -15.78 11.45
N PRO B 70 -12.86 -16.40 10.89
CA PRO B 70 -11.48 -16.10 11.29
C PRO B 70 -11.00 -14.81 10.66
N PRO B 71 -10.53 -13.84 11.47
CA PRO B 71 -10.04 -12.56 10.96
C PRO B 71 -8.68 -12.68 10.29
N ARG B 81 -3.47 -12.63 25.15
CA ARG B 81 -4.12 -12.19 26.38
C ARG B 81 -5.51 -11.64 26.10
N THR B 82 -6.53 -12.43 26.44
CA THR B 82 -7.93 -12.04 26.26
C THR B 82 -8.72 -12.64 27.41
N ASP B 83 -9.85 -12.01 27.74
CA ASP B 83 -10.71 -12.51 28.80
C ASP B 83 -12.13 -12.70 28.29
N ASP B 84 -12.29 -12.73 26.96
CA ASP B 84 -13.59 -12.91 26.35
C ASP B 84 -14.18 -14.26 26.75
N ILE B 85 -13.52 -15.35 26.32
CA ILE B 85 -13.78 -16.73 26.73
C ILE B 85 -15.28 -16.96 26.90
N PRO B 86 -16.04 -17.05 25.81
CA PRO B 86 -17.50 -17.07 25.90
C PRO B 86 -18.04 -18.17 26.81
N VAL B 87 -19.31 -18.02 27.17
CA VAL B 87 -19.92 -18.85 28.20
C VAL B 87 -19.94 -20.31 27.77
N TRP B 88 -20.19 -20.58 26.49
CA TRP B 88 -20.23 -21.95 26.01
C TRP B 88 -18.89 -22.65 26.20
N ASP B 89 -17.79 -21.95 25.92
CA ASP B 89 -16.46 -22.54 26.10
C ASP B 89 -16.17 -22.79 27.57
N GLN B 90 -16.57 -21.86 28.45
CA GLN B 90 -16.35 -22.05 29.88
C GLN B 90 -17.14 -23.24 30.41
N GLU B 91 -18.40 -23.38 29.99
CA GLU B 91 -19.19 -24.52 30.41
C GLU B 91 -18.62 -25.82 29.84
N PHE B 92 -18.14 -25.78 28.60
CA PHE B 92 -17.56 -26.96 27.98
C PHE B 92 -16.27 -27.39 28.68
N LEU B 93 -15.54 -26.45 29.28
CA LEU B 93 -14.26 -26.74 29.90
C LEU B 93 -14.38 -26.91 31.42
N LYS B 94 -15.56 -27.28 31.92
CA LYS B 94 -15.75 -27.54 33.34
C LYS B 94 -15.44 -29.00 33.66
N VAL B 95 -14.17 -29.36 33.45
CA VAL B 95 -13.68 -30.72 33.64
C VAL B 95 -12.44 -30.69 34.51
N ASP B 96 -11.90 -31.87 34.79
CA ASP B 96 -10.74 -31.99 35.64
C ASP B 96 -9.47 -31.60 34.88
N GLN B 97 -8.34 -31.60 35.61
CA GLN B 97 -7.06 -31.21 35.03
C GLN B 97 -6.62 -32.18 33.95
N GLY B 98 -6.79 -33.47 34.18
CA GLY B 98 -6.33 -34.46 33.20
C GLY B 98 -7.08 -34.35 31.88
N THR B 99 -8.40 -34.19 31.94
CA THR B 99 -9.18 -34.03 30.72
C THR B 99 -8.78 -32.76 29.99
N LEU B 100 -8.53 -31.68 30.73
CA LEU B 100 -8.10 -30.43 30.10
C LEU B 100 -6.77 -30.61 29.40
N PHE B 101 -5.80 -31.26 30.05
CA PHE B 101 -4.50 -31.46 29.43
C PHE B 101 -4.58 -32.37 28.22
N GLU B 102 -5.44 -33.39 28.29
CA GLU B 102 -5.63 -34.26 27.13
C GLU B 102 -6.27 -33.50 25.97
N LEU B 103 -7.20 -32.58 26.27
CA LEU B 103 -7.75 -31.72 25.23
C LEU B 103 -6.67 -30.83 24.61
N ILE B 104 -5.79 -30.29 25.45
CA ILE B 104 -4.68 -29.47 24.94
C ILE B 104 -3.80 -30.29 24.00
N LEU B 105 -3.45 -31.50 24.42
CA LEU B 105 -2.58 -32.34 23.59
C LEU B 105 -3.26 -32.73 22.30
N ALA B 106 -4.57 -33.04 22.34
CA ALA B 106 -5.29 -33.39 21.13
C ALA B 106 -5.38 -32.21 20.17
N ALA B 107 -5.64 -31.00 20.69
CA ALA B 107 -5.67 -29.81 19.84
C ALA B 107 -4.31 -29.54 19.21
N ASN B 108 -3.24 -29.76 19.96
CA ASN B 108 -1.90 -29.61 19.40
C ASN B 108 -1.64 -30.65 18.32
N TYR B 109 -2.09 -31.89 18.54
CA TYR B 109 -1.84 -32.97 17.59
C TYR B 109 -2.61 -32.77 16.29
N LEU B 110 -3.87 -32.33 16.38
CA LEU B 110 -4.69 -32.13 15.19
C LEU B 110 -4.64 -30.71 14.67
N ASP B 111 -3.85 -29.83 15.29
CA ASP B 111 -3.65 -28.46 14.83
C ASP B 111 -4.99 -27.70 14.76
N ILE B 112 -5.61 -27.54 15.92
CA ILE B 112 -6.83 -26.74 16.08
C ILE B 112 -6.44 -25.51 16.89
N LYS B 113 -6.45 -24.34 16.23
CA LYS B 113 -5.95 -23.14 16.87
C LYS B 113 -6.93 -22.62 17.94
N GLY B 114 -8.23 -22.64 17.65
CA GLY B 114 -9.19 -22.10 18.60
C GLY B 114 -9.23 -22.86 19.90
N LEU B 115 -9.27 -24.19 19.83
CA LEU B 115 -9.28 -25.00 21.05
C LEU B 115 -8.01 -24.78 21.86
N LEU B 116 -6.86 -24.73 21.19
CA LEU B 116 -5.60 -24.51 21.88
C LEU B 116 -5.58 -23.16 22.57
N ASP B 117 -6.04 -22.11 21.88
CA ASP B 117 -6.08 -20.78 22.49
C ASP B 117 -6.97 -20.77 23.72
N VAL B 118 -8.17 -21.36 23.61
CA VAL B 118 -9.11 -21.34 24.73
C VAL B 118 -8.54 -22.12 25.92
N THR B 119 -7.96 -23.30 25.66
CA THR B 119 -7.42 -24.12 26.74
C THR B 119 -6.24 -23.43 27.41
N CYS B 120 -5.34 -22.82 26.63
CA CYS B 120 -4.21 -22.12 27.21
C CYS B 120 -4.66 -20.92 28.03
N LYS B 121 -5.69 -20.20 27.55
CA LYS B 121 -6.24 -19.10 28.33
C LYS B 121 -6.84 -19.60 29.65
N THR B 122 -7.53 -20.74 29.60
CA THR B 122 -8.10 -21.31 30.83
C THR B 122 -7.01 -21.68 31.83
N VAL B 123 -5.93 -22.31 31.35
CA VAL B 123 -4.82 -22.65 32.24
C VAL B 123 -4.17 -21.40 32.82
N ALA B 124 -3.98 -20.37 31.98
CA ALA B 124 -3.39 -19.13 32.47
C ALA B 124 -4.27 -18.47 33.52
N ASN B 125 -5.59 -18.48 33.31
CA ASN B 125 -6.52 -17.95 34.31
C ASN B 125 -6.43 -18.74 35.61
N MET B 126 -6.30 -20.07 35.51
CA MET B 126 -6.06 -20.86 36.70
C MET B 126 -4.73 -20.51 37.36
N ILE B 127 -3.77 -19.98 36.60
CA ILE B 127 -2.52 -19.53 37.18
C ILE B 127 -2.63 -18.11 37.75
N LYS B 128 -3.44 -17.26 37.13
CA LYS B 128 -3.51 -15.85 37.52
C LYS B 128 -4.05 -15.68 38.93
N GLY B 129 -3.57 -14.63 39.60
CA GLY B 129 -4.07 -14.25 40.91
C GLY B 129 -3.85 -15.25 42.02
N LYS B 130 -2.70 -15.90 42.04
CA LYS B 130 -2.37 -16.87 43.09
C LYS B 130 -0.93 -16.66 43.53
N THR B 131 -0.67 -16.97 44.80
CA THR B 131 0.68 -17.01 45.32
C THR B 131 1.40 -18.26 44.81
N PRO B 132 2.73 -18.26 44.80
CA PRO B 132 3.46 -19.46 44.32
C PRO B 132 3.08 -20.73 45.05
N GLU B 133 2.85 -20.66 46.36
CA GLU B 133 2.45 -21.84 47.10
C GLU B 133 1.08 -22.36 46.65
N GLU B 134 0.13 -21.44 46.40
CA GLU B 134 -1.18 -21.86 45.91
C GLU B 134 -1.06 -22.51 44.53
N ILE B 135 -0.21 -21.97 43.66
CA ILE B 135 0.03 -22.59 42.37
C ILE B 135 0.62 -23.99 42.55
N ARG B 136 1.56 -24.13 43.50
CA ARG B 136 2.15 -25.44 43.76
C ARG B 136 1.10 -26.45 44.21
N LYS B 137 0.20 -26.05 45.10
CA LYS B 137 -0.88 -26.96 45.50
C LYS B 137 -1.80 -27.27 44.33
N THR B 138 -2.12 -26.27 43.51
CA THR B 138 -3.07 -26.48 42.42
C THR B 138 -2.53 -27.43 41.38
N PHE B 139 -1.24 -27.31 41.02
CA PHE B 139 -0.67 -28.11 39.95
C PHE B 139 0.27 -29.19 40.44
N ASN B 140 0.37 -29.38 41.76
CA ASN B 140 1.16 -30.45 42.38
C ASN B 140 2.61 -30.40 41.90
N ILE B 141 3.26 -29.26 42.15
CA ILE B 141 4.66 -29.04 41.81
C ILE B 141 5.47 -29.04 43.10
N LYS B 142 6.51 -29.87 43.13
CA LYS B 142 7.37 -29.93 44.31
C LYS B 142 8.31 -28.74 44.34
N ASN B 143 8.42 -28.10 45.51
CA ASN B 143 9.27 -26.94 45.68
C ASN B 143 10.72 -27.39 45.70
N ASP B 144 11.39 -27.27 44.55
CA ASP B 144 12.80 -27.62 44.43
C ASP B 144 13.71 -26.40 44.54
N PHE B 145 13.15 -25.24 44.88
CA PHE B 145 13.96 -24.05 45.09
C PHE B 145 14.57 -24.05 46.48
N THR B 146 15.88 -23.82 46.56
CA THR B 146 16.52 -23.60 47.85
C THR B 146 16.26 -22.17 48.31
N GLU B 147 16.50 -21.93 49.60
CA GLU B 147 16.25 -20.61 50.17
C GLU B 147 17.14 -19.54 49.54
N GLU B 148 18.43 -19.82 49.37
CA GLU B 148 19.33 -18.85 48.78
C GLU B 148 18.97 -18.58 47.31
N GLU B 149 18.66 -19.64 46.56
CA GLU B 149 18.26 -19.46 45.17
C GLU B 149 16.96 -18.68 45.06
N GLU B 150 16.00 -18.96 45.95
CA GLU B 150 14.74 -18.22 45.94
C GLU B 150 14.98 -16.74 46.26
N ALA B 151 15.86 -16.45 47.23
CA ALA B 151 16.19 -15.07 47.54
C ALA B 151 16.83 -14.38 46.35
N GLN B 152 17.75 -15.07 45.67
CA GLN B 152 18.37 -14.48 44.48
C GLN B 152 17.34 -14.21 43.39
N VAL B 153 16.41 -15.15 43.19
CA VAL B 153 15.39 -14.98 42.15
C VAL B 153 14.50 -13.78 42.47
N ARG B 154 14.06 -13.65 43.72
CA ARG B 154 13.19 -12.54 44.07
C ARG B 154 13.95 -11.22 44.15
N LYS B 155 15.28 -11.27 44.28
CA LYS B 155 16.06 -10.03 44.23
C LYS B 155 16.33 -9.61 42.79
N GLU B 156 16.42 -10.57 41.87
CA GLU B 156 16.69 -10.24 40.48
C GLU B 156 15.49 -9.60 39.78
N ASN B 157 14.30 -9.73 40.34
CA ASN B 157 13.08 -9.22 39.74
C ASN B 157 12.41 -8.17 40.62
N GLN B 158 13.21 -7.50 41.46
CA GLN B 158 12.65 -6.45 42.31
C GLN B 158 12.24 -5.23 41.51
N TRP B 159 12.61 -5.16 40.22
CA TRP B 159 12.27 -4.03 39.38
C TRP B 159 10.88 -4.19 38.78
N CYS B 160 10.21 -5.28 39.09
CA CYS B 160 8.85 -5.50 38.63
C CYS B 160 7.84 -5.34 39.77
N PRO C 10 -2.03 -36.13 36.65
CA PRO C 10 -2.11 -34.71 36.28
C PRO C 10 -0.83 -33.95 36.56
N ASP C 11 0.02 -33.80 35.54
CA ASP C 11 1.28 -33.10 35.69
C ASP C 11 1.43 -32.12 34.53
N ILE C 12 1.51 -30.83 34.85
CA ILE C 12 1.65 -29.80 33.83
C ILE C 12 3.02 -29.81 33.18
N ASN C 13 4.02 -30.41 33.83
CA ASN C 13 5.37 -30.45 33.28
C ASN C 13 5.55 -31.53 32.23
N GLN C 14 4.58 -32.43 32.07
CA GLN C 14 4.64 -33.41 30.99
C GLN C 14 4.31 -32.81 29.64
N LEU C 15 3.71 -31.61 29.63
CA LEU C 15 3.33 -30.96 28.39
C LEU C 15 4.56 -30.49 27.63
N PRO C 16 4.48 -30.40 26.30
CA PRO C 16 5.64 -29.97 25.53
C PRO C 16 6.02 -28.54 25.86
N PRO C 17 7.29 -28.17 25.69
CA PRO C 17 7.71 -26.81 26.03
C PRO C 17 7.00 -25.73 25.25
N SER C 18 6.57 -26.00 24.01
CA SER C 18 5.81 -25.02 23.26
C SER C 18 4.48 -24.72 23.95
N ILE C 19 3.83 -25.76 24.48
CA ILE C 19 2.54 -25.56 25.15
C ILE C 19 2.71 -24.68 26.39
N LEU C 20 3.74 -24.95 27.19
CA LEU C 20 3.99 -24.12 28.37
C LEU C 20 4.36 -22.70 28.00
N LEU C 21 5.12 -22.51 26.91
CA LEU C 21 5.44 -21.16 26.45
C LEU C 21 4.17 -20.41 26.04
N LYS C 22 3.26 -21.10 25.34
CA LYS C 22 2.01 -20.47 24.96
C LYS C 22 1.18 -20.11 26.19
N ILE C 23 1.16 -20.99 27.20
CA ILE C 23 0.44 -20.67 28.43
C ILE C 23 1.03 -19.45 29.12
N PHE C 24 2.36 -19.40 29.21
CA PHE C 24 3.03 -18.28 29.87
C PHE C 24 2.90 -16.98 29.10
N SER C 25 2.72 -17.05 27.78
CA SER C 25 2.53 -15.84 26.99
C SER C 25 1.24 -15.11 27.32
N ASN C 26 0.31 -15.77 28.00
CA ASN C 26 -0.96 -15.15 28.41
C ASN C 26 -0.86 -14.45 29.76
N LEU C 27 0.32 -14.45 30.38
CA LEU C 27 0.55 -13.73 31.62
C LEU C 27 1.43 -12.52 31.36
N SER C 28 1.13 -11.43 32.07
CA SER C 28 1.90 -10.20 31.90
C SER C 28 3.24 -10.29 32.63
N LEU C 29 4.05 -9.25 32.47
CA LEU C 29 5.41 -9.27 32.99
C LEU C 29 5.44 -9.34 34.52
N ASP C 30 4.54 -8.61 35.19
CA ASP C 30 4.56 -8.59 36.65
C ASP C 30 4.23 -9.97 37.23
N GLU C 31 3.27 -10.67 36.63
CA GLU C 31 2.92 -12.00 37.09
C GLU C 31 3.85 -13.09 36.52
N ARG C 32 4.76 -12.72 35.62
CA ARG C 32 5.71 -13.66 35.04
C ARG C 32 7.08 -13.58 35.68
N CYS C 33 7.42 -12.44 36.28
CA CYS C 33 8.70 -12.27 36.96
C CYS C 33 8.59 -12.32 38.48
N LEU C 34 7.38 -12.28 39.02
CA LEU C 34 7.18 -12.30 40.47
C LEU C 34 6.42 -13.53 40.97
N SER C 35 5.67 -14.21 40.10
CA SER C 35 4.89 -15.38 40.50
C SER C 35 5.38 -16.67 39.85
N ALA C 36 5.47 -16.69 38.52
CA ALA C 36 5.85 -17.91 37.83
C ALA C 36 7.32 -18.26 38.05
N SER C 37 8.17 -17.24 38.22
CA SER C 37 9.60 -17.48 38.39
C SER C 37 9.97 -17.96 39.78
N LEU C 38 9.04 -17.93 40.74
CA LEU C 38 9.30 -18.35 42.11
C LEU C 38 8.66 -19.70 42.44
N VAL C 39 8.18 -20.43 41.44
CA VAL C 39 7.53 -21.71 41.67
C VAL C 39 8.57 -22.83 41.64
N CYS C 40 9.22 -22.99 40.50
CA CYS C 40 10.23 -24.03 40.33
C CYS C 40 11.23 -23.58 39.27
N LYS C 41 12.39 -24.23 39.26
CA LYS C 41 13.45 -23.82 38.35
C LYS C 41 13.05 -23.99 36.89
N TYR C 42 12.22 -25.00 36.60
CA TYR C 42 11.77 -25.21 35.22
C TYR C 42 10.93 -24.03 34.73
N TRP C 43 10.01 -23.55 35.57
CA TRP C 43 9.21 -22.39 35.18
C TRP C 43 10.07 -21.14 35.05
N ARG C 44 11.07 -21.00 35.93
CA ARG C 44 11.98 -19.86 35.82
C ARG C 44 12.74 -19.89 34.50
N ASP C 45 13.27 -21.06 34.13
CA ASP C 45 13.99 -21.20 32.87
C ASP C 45 13.09 -21.06 31.66
N LEU C 46 11.80 -21.38 31.79
CA LEU C 46 10.83 -21.16 30.73
C LEU C 46 10.46 -19.69 30.56
N CYS C 47 10.37 -18.95 31.67
CA CYS C 47 10.04 -17.53 31.62
C CYS C 47 11.24 -16.67 31.24
N LEU C 48 12.44 -17.23 31.20
CA LEU C 48 13.63 -16.52 30.77
C LEU C 48 13.94 -16.73 29.29
N ASP C 49 12.98 -17.24 28.52
CA ASP C 49 13.15 -17.50 27.10
C ASP C 49 13.32 -16.20 26.33
N PHE C 50 13.76 -16.28 25.07
CA PHE C 50 14.03 -15.11 24.27
C PHE C 50 12.79 -14.53 23.59
N GLN C 51 11.71 -15.29 23.48
CA GLN C 51 10.49 -14.75 22.89
C GLN C 51 9.75 -13.84 23.85
N PHE C 52 9.87 -14.08 25.16
CA PHE C 52 9.24 -13.20 26.14
C PHE C 52 9.92 -11.84 26.18
N TRP C 53 11.20 -11.79 25.83
CA TRP C 53 11.92 -10.54 25.62
C TRP C 53 11.77 -10.15 24.16
N LYS C 54 12.62 -9.23 23.67
CA LYS C 54 12.61 -8.58 22.36
C LYS C 54 11.31 -7.82 22.09
N GLN C 55 10.43 -7.69 23.08
CA GLN C 55 9.28 -6.80 23.06
C GLN C 55 9.17 -6.07 24.40
N LEU C 56 10.28 -5.46 24.82
CA LEU C 56 10.47 -4.98 26.18
C LEU C 56 9.27 -4.23 26.74
N ASP C 57 8.93 -3.09 26.14
CA ASP C 57 7.78 -2.29 26.54
C ASP C 57 7.85 -1.97 28.04
N LEU C 58 8.83 -1.16 28.40
CA LEU C 58 9.08 -0.79 29.79
C LEU C 58 8.61 0.63 30.10
N SER C 59 7.50 1.04 29.50
CA SER C 59 6.99 2.39 29.70
C SER C 59 6.35 2.52 31.08
N SER C 60 6.28 3.77 31.56
CA SER C 60 5.65 4.11 32.85
C SER C 60 6.29 3.33 34.00
N ARG C 61 7.62 3.21 33.97
CA ARG C 61 8.36 2.49 34.99
C ARG C 61 9.38 3.41 35.65
N GLN C 62 8.92 4.60 36.06
CA GLN C 62 9.77 5.69 36.54
C GLN C 62 10.88 5.23 37.48
N GLN C 63 10.52 4.69 38.64
CA GLN C 63 11.51 4.19 39.60
C GLN C 63 11.81 2.71 39.40
N VAL C 64 12.08 2.31 38.16
CA VAL C 64 12.44 0.93 37.85
C VAL C 64 13.73 0.90 37.04
N THR C 65 13.73 1.62 35.91
CA THR C 65 14.81 1.53 34.93
C THR C 65 15.95 2.48 35.28
N ASP C 66 16.74 2.07 36.27
CA ASP C 66 18.03 2.69 36.56
C ASP C 66 19.05 2.14 35.57
N GLU C 67 20.34 2.28 35.87
CA GLU C 67 21.37 1.79 34.97
C GLU C 67 21.31 0.27 34.99
N LEU C 68 20.30 -0.26 34.30
CA LEU C 68 19.95 -1.67 34.29
C LEU C 68 19.73 -2.24 32.90
N LEU C 69 19.45 -1.40 31.90
CA LEU C 69 19.22 -1.88 30.53
C LEU C 69 20.41 -2.66 30.00
N GLU C 70 21.62 -2.41 30.50
CA GLU C 70 22.76 -3.24 30.13
C GLU C 70 22.60 -4.68 30.62
N LYS C 71 21.97 -4.89 31.78
CA LYS C 71 21.71 -6.24 32.26
C LYS C 71 20.66 -6.93 31.40
N ILE C 72 19.62 -6.20 30.98
CA ILE C 72 18.59 -6.78 30.13
C ILE C 72 19.11 -7.07 28.72
N ALA C 73 20.04 -6.26 28.22
CA ALA C 73 20.59 -6.47 26.89
C ALA C 73 21.70 -7.50 26.85
N SER C 74 22.45 -7.67 27.94
CA SER C 74 23.52 -8.66 27.97
C SER C 74 22.96 -10.08 27.94
N ARG C 75 21.97 -10.36 28.80
CA ARG C 75 21.42 -11.71 28.89
C ARG C 75 20.36 -12.00 27.85
N SER C 76 19.86 -10.98 27.14
CA SER C 76 18.85 -11.18 26.10
C SER C 76 19.20 -10.27 24.93
N GLN C 77 19.64 -10.87 23.83
CA GLN C 77 20.02 -10.14 22.63
C GLN C 77 18.84 -10.10 21.66
N ASN C 78 19.12 -9.63 20.44
CA ASN C 78 18.17 -9.56 19.32
C ASN C 78 16.80 -9.04 19.77
N ILE C 79 16.82 -7.88 20.41
CA ILE C 79 15.58 -7.16 20.74
C ILE C 79 15.16 -6.36 19.52
N ILE C 80 13.93 -6.59 19.05
CA ILE C 80 13.45 -6.01 17.80
C ILE C 80 12.48 -4.85 18.03
N GLU C 81 12.12 -4.56 19.27
CA GLU C 81 11.19 -3.47 19.54
C GLU C 81 11.37 -3.03 20.99
N ILE C 82 11.43 -1.71 21.20
CA ILE C 82 11.60 -1.13 22.53
C ILE C 82 10.54 -0.06 22.72
N ASN C 83 10.21 0.21 23.98
CA ASN C 83 9.24 1.24 24.34
C ASN C 83 9.64 1.78 25.72
N ILE C 84 10.25 2.97 25.72
CA ILE C 84 10.78 3.55 26.95
C ILE C 84 10.08 4.90 27.13
N SER C 85 8.82 4.97 26.72
CA SER C 85 8.05 6.20 26.83
C SER C 85 7.76 6.54 28.29
N ASP C 86 7.60 7.84 28.55
CA ASP C 86 7.32 8.36 29.90
C ASP C 86 8.40 7.94 30.90
N CYS C 87 9.64 7.90 30.44
CA CYS C 87 10.75 7.50 31.29
C CYS C 87 11.39 8.72 31.95
N ARG C 88 11.89 8.53 33.18
CA ARG C 88 12.45 9.62 33.94
C ARG C 88 13.71 9.28 34.74
N SER C 89 14.26 8.07 34.61
CA SER C 89 15.36 7.64 35.47
C SER C 89 16.69 7.57 34.72
N MET C 90 16.70 6.98 33.53
CA MET C 90 17.95 6.74 32.82
C MET C 90 18.60 8.05 32.41
N SER C 91 19.92 8.00 32.24
CA SER C 91 20.66 9.07 31.60
C SER C 91 20.71 8.78 30.10
N ASP C 92 21.49 9.57 29.35
CA ASP C 92 21.69 9.27 27.93
C ASP C 92 22.39 7.92 27.74
N ASN C 93 23.44 7.68 28.53
CA ASN C 93 24.21 6.45 28.39
C ASN C 93 23.52 5.26 29.05
N GLY C 94 22.24 5.09 28.75
CA GLY C 94 21.48 3.90 29.05
C GLY C 94 20.81 3.46 27.77
N VAL C 95 20.74 4.40 26.81
CA VAL C 95 20.24 4.09 25.48
C VAL C 95 21.43 3.95 24.54
N CYS C 96 22.40 4.85 24.68
CA CYS C 96 23.59 4.83 23.83
C CYS C 96 24.35 3.52 23.94
N VAL C 97 24.27 2.84 25.09
CA VAL C 97 24.89 1.53 25.22
C VAL C 97 23.98 0.43 24.69
N LEU C 98 22.66 0.59 24.83
CA LEU C 98 21.73 -0.46 24.39
C LEU C 98 21.83 -0.69 22.89
N ALA C 99 21.87 0.40 22.10
CA ALA C 99 22.06 0.27 20.67
C ALA C 99 23.40 -0.39 20.34
N PHE C 100 24.40 -0.21 21.20
CA PHE C 100 25.68 -0.88 20.98
C PHE C 100 25.58 -2.38 21.14
N LYS C 101 24.57 -2.87 21.85
CA LYS C 101 24.40 -4.29 22.10
C LYS C 101 23.16 -4.89 21.43
N CYS C 102 22.40 -4.07 20.70
CA CYS C 102 21.17 -4.51 20.04
C CYS C 102 21.17 -4.02 18.60
N PRO C 103 21.73 -4.81 17.67
CA PRO C 103 21.78 -4.40 16.27
C PRO C 103 20.51 -4.69 15.48
N GLY C 104 19.39 -4.96 16.14
CA GLY C 104 18.18 -5.30 15.41
C GLY C 104 16.93 -4.56 15.83
N LEU C 105 17.07 -3.30 16.24
CA LEU C 105 15.92 -2.50 16.60
C LEU C 105 15.08 -2.17 15.37
N LEU C 106 13.75 -2.14 15.56
CA LEU C 106 12.84 -1.82 14.47
C LEU C 106 11.83 -0.75 14.85
N ARG C 107 11.49 -0.67 16.13
CA ARG C 107 10.37 0.16 16.58
C ARG C 107 10.75 0.97 17.83
N TYR C 108 11.86 1.68 17.76
CA TYR C 108 12.27 2.56 18.85
C TYR C 108 11.18 3.60 19.13
N THR C 109 10.86 3.79 20.41
CA THR C 109 9.84 4.74 20.83
C THR C 109 10.22 5.29 22.20
N ALA C 110 10.43 6.60 22.28
CA ALA C 110 10.85 7.27 23.51
C ALA C 110 10.05 8.54 23.73
N TYR C 111 8.72 8.43 23.63
CA TYR C 111 7.85 9.58 23.80
C TYR C 111 8.03 10.22 25.17
N ARG C 112 8.10 11.56 25.17
CA ARG C 112 8.03 12.38 26.38
C ARG C 112 9.09 11.99 27.42
N CYS C 113 10.32 11.82 26.95
CA CYS C 113 11.47 11.57 27.84
C CYS C 113 12.46 12.70 27.62
N LYS C 114 12.26 13.81 28.34
CA LYS C 114 13.04 15.02 28.13
C LYS C 114 14.47 14.93 28.60
N GLN C 115 14.85 13.87 29.33
CA GLN C 115 16.20 13.75 29.83
C GLN C 115 17.22 13.37 28.76
N LEU C 116 16.76 12.94 27.59
CA LEU C 116 17.66 12.54 26.51
C LEU C 116 17.99 13.73 25.62
N SER C 117 18.93 13.52 24.71
CA SER C 117 19.43 14.57 23.83
C SER C 117 19.70 13.97 22.45
N ASP C 118 20.46 14.71 21.64
CA ASP C 118 20.76 14.29 20.28
C ASP C 118 21.59 13.01 20.26
N THR C 119 22.50 12.84 21.22
CA THR C 119 23.43 11.72 21.20
C THR C 119 22.73 10.37 21.24
N SER C 120 21.55 10.29 21.86
CA SER C 120 20.79 9.05 21.84
C SER C 120 20.41 8.67 20.41
N ILE C 121 19.85 9.62 19.67
CA ILE C 121 19.49 9.38 18.27
C ILE C 121 20.75 9.08 17.46
N ILE C 122 21.85 9.78 17.75
CA ILE C 122 23.10 9.54 17.03
C ILE C 122 23.55 8.10 17.21
N ALA C 123 23.59 7.62 18.45
CA ALA C 123 24.01 6.25 18.73
C ALA C 123 23.06 5.23 18.13
N VAL C 124 21.75 5.50 18.21
CA VAL C 124 20.78 4.57 17.64
C VAL C 124 20.97 4.44 16.13
N ALA C 125 21.16 5.58 15.45
CA ALA C 125 21.37 5.55 14.01
C ALA C 125 22.69 4.89 13.65
N SER C 126 23.74 5.11 14.44
CA SER C 126 25.05 4.59 14.11
C SER C 126 25.24 3.13 14.49
N HIS C 127 24.37 2.57 15.33
CA HIS C 127 24.49 1.17 15.73
C HIS C 127 23.32 0.30 15.28
N CYS C 128 22.33 0.86 14.58
CA CYS C 128 21.19 0.10 14.07
C CYS C 128 21.02 0.40 12.59
N PRO C 129 21.77 -0.31 11.73
CA PRO C 129 21.65 -0.06 10.28
C PRO C 129 20.27 -0.34 9.72
N LEU C 130 19.49 -1.22 10.36
CA LEU C 130 18.12 -1.54 9.94
C LEU C 130 17.18 -1.03 11.02
N LEU C 131 16.33 -0.07 10.66
CA LEU C 131 15.37 0.52 11.58
C LEU C 131 14.17 0.98 10.78
N GLN C 132 12.97 0.82 11.33
CA GLN C 132 11.74 1.07 10.59
C GLN C 132 10.77 2.03 11.27
N LYS C 133 11.06 2.50 12.48
CA LYS C 133 10.10 3.33 13.21
C LYS C 133 10.83 4.13 14.28
N VAL C 134 10.80 5.46 14.16
CA VAL C 134 11.32 6.36 15.18
C VAL C 134 10.21 7.32 15.55
N HIS C 135 9.75 7.25 16.80
CA HIS C 135 8.69 8.10 17.31
C HIS C 135 9.19 8.77 18.59
N VAL C 136 9.61 10.02 18.49
CA VAL C 136 10.05 10.80 19.64
C VAL C 136 9.15 12.02 19.78
N GLY C 137 8.56 12.19 20.96
CA GLY C 137 7.57 13.22 21.18
C GLY C 137 8.10 14.48 21.82
N ASN C 138 7.50 14.88 22.94
CA ASN C 138 7.84 16.15 23.61
C ASN C 138 9.22 16.00 24.23
N GLN C 139 10.23 16.09 23.37
CA GLN C 139 11.63 15.89 23.76
C GLN C 139 12.48 17.10 23.39
N ASP C 140 12.03 18.30 23.77
CA ASP C 140 12.74 19.52 23.40
C ASP C 140 14.15 19.53 23.95
N LYS C 141 15.13 19.41 23.03
CA LYS C 141 16.59 19.33 23.14
C LYS C 141 17.10 18.77 21.82
N LEU C 142 16.25 18.04 21.09
CA LEU C 142 16.65 17.41 19.85
C LEU C 142 16.84 18.46 18.76
N THR C 143 18.00 18.46 18.13
CA THR C 143 18.35 19.41 17.09
C THR C 143 18.51 18.68 15.76
N ASP C 144 18.78 19.44 14.71
CA ASP C 144 18.96 18.88 13.37
C ASP C 144 20.28 18.14 13.23
N GLU C 145 21.24 18.39 14.12
CA GLU C 145 22.53 17.71 14.05
C GLU C 145 22.40 16.21 14.28
N GLY C 146 21.48 15.78 15.14
CA GLY C 146 21.25 14.37 15.35
C GLY C 146 20.36 13.77 14.29
N LEU C 147 19.53 14.60 13.66
CA LEU C 147 18.66 14.13 12.59
C LEU C 147 19.44 13.93 11.28
N LYS C 148 20.50 14.70 11.07
CA LYS C 148 21.30 14.53 9.86
C LYS C 148 21.92 13.14 9.80
N GLN C 149 22.46 12.66 10.93
CA GLN C 149 23.02 11.32 10.96
C GLN C 149 21.92 10.25 10.94
N LEU C 150 20.70 10.59 11.34
CA LEU C 150 19.59 9.66 11.21
C LEU C 150 19.11 9.52 9.77
N GLY C 151 19.20 10.57 8.97
CA GLY C 151 18.77 10.52 7.59
C GLY C 151 19.87 10.15 6.62
N SER C 152 21.07 9.90 7.13
CA SER C 152 22.22 9.59 6.29
C SER C 152 22.84 8.23 6.59
N LYS C 153 22.35 7.51 7.60
CA LYS C 153 22.91 6.22 7.96
C LYS C 153 21.88 5.10 8.07
N CYS C 154 20.58 5.40 8.01
CA CYS C 154 19.52 4.39 8.12
C CYS C 154 18.50 4.66 7.02
N ARG C 155 18.69 4.03 5.87
CA ARG C 155 17.76 4.19 4.75
C ARG C 155 16.69 3.11 4.75
N GLU C 156 16.04 2.92 5.90
CA GLU C 156 15.00 1.91 6.04
C GLU C 156 13.80 2.37 6.85
N LEU C 157 13.75 3.62 7.30
CA LEU C 157 12.65 4.07 8.14
C LEU C 157 11.35 4.12 7.34
N LYS C 158 10.29 3.55 7.91
CA LYS C 158 8.99 3.53 7.27
C LYS C 158 7.96 4.41 7.95
N ASP C 159 8.24 4.90 9.15
CA ASP C 159 7.30 5.73 9.89
C ASP C 159 8.10 6.62 10.84
N ILE C 160 7.75 7.90 10.89
CA ILE C 160 8.47 8.87 11.71
C ILE C 160 7.46 9.64 12.55
N HIS C 161 7.93 10.15 13.68
CA HIS C 161 7.12 11.01 14.54
C HIS C 161 8.04 11.97 15.27
N PHE C 162 7.93 13.26 14.95
CA PHE C 162 8.77 14.32 15.52
C PHE C 162 7.89 15.41 16.13
N GLY C 163 6.89 14.99 16.91
CA GLY C 163 5.91 15.93 17.42
C GLY C 163 6.48 16.76 18.57
N GLN C 164 6.20 18.06 18.54
CA GLN C 164 6.56 18.99 19.61
C GLN C 164 8.05 18.95 19.95
N CYS C 165 8.86 19.34 18.96
CA CYS C 165 10.30 19.54 19.13
C CYS C 165 10.64 20.87 18.48
N TYR C 166 10.70 21.94 19.28
CA TYR C 166 10.90 23.27 18.73
C TYR C 166 12.37 23.56 18.45
N LYS C 167 13.06 22.64 17.80
CA LYS C 167 14.42 22.88 17.33
C LYS C 167 14.70 22.24 15.98
N ILE C 168 13.72 21.62 15.34
CA ILE C 168 13.92 20.94 14.05
C ILE C 168 13.53 21.92 12.96
N SER C 169 14.45 22.19 12.04
CA SER C 169 14.23 23.09 10.92
C SER C 169 14.20 22.30 9.62
N ASP C 170 14.04 23.02 8.51
CA ASP C 170 14.04 22.39 7.20
C ASP C 170 15.40 21.81 6.84
N GLU C 171 16.47 22.24 7.51
CA GLU C 171 17.80 21.75 7.17
C GLU C 171 17.93 20.26 7.39
N GLY C 172 17.51 19.76 8.56
CA GLY C 172 17.55 18.33 8.81
C GLY C 172 16.43 17.58 8.12
N MET C 173 15.28 18.23 7.91
CA MET C 173 14.18 17.59 7.19
C MET C 173 14.58 17.30 5.75
N ILE C 174 15.32 18.20 5.11
CA ILE C 174 15.81 17.96 3.75
C ILE C 174 16.76 16.76 3.73
N VAL C 175 17.64 16.67 4.73
CA VAL C 175 18.56 15.54 4.81
C VAL C 175 17.79 14.23 4.97
N ILE C 176 16.75 14.24 5.81
CA ILE C 176 15.92 13.05 5.99
C ILE C 176 15.23 12.69 4.68
N ALA C 177 14.70 13.70 3.97
CA ALA C 177 13.96 13.42 2.74
C ALA C 177 14.88 12.94 1.62
N LYS C 178 16.15 13.35 1.63
CA LYS C 178 17.07 12.94 0.58
C LYS C 178 17.21 11.42 0.55
N GLY C 179 17.38 10.80 1.71
CA GLY C 179 17.34 9.36 1.85
C GLY C 179 15.98 8.90 2.31
N CYS C 180 15.94 7.70 2.88
CA CYS C 180 14.72 7.13 3.45
C CYS C 180 13.58 7.13 2.42
N LEU C 181 13.88 6.58 1.24
CA LEU C 181 12.90 6.57 0.16
C LEU C 181 11.67 5.73 0.53
N LYS C 182 11.82 4.77 1.43
CA LYS C 182 10.71 3.89 1.83
C LYS C 182 9.96 4.44 3.04
N LEU C 183 9.51 5.68 2.95
CA LEU C 183 8.76 6.32 4.03
C LEU C 183 7.27 6.22 3.73
N GLN C 184 6.48 5.83 4.73
CA GLN C 184 5.05 5.65 4.56
C GLN C 184 4.20 6.63 5.34
N ARG C 185 4.59 6.95 6.58
CA ARG C 185 3.83 7.87 7.43
C ARG C 185 4.75 8.96 7.95
N ILE C 186 4.25 10.19 7.96
CA ILE C 186 4.96 11.32 8.54
C ILE C 186 3.99 12.11 9.41
N TYR C 187 4.41 12.42 10.63
CA TYR C 187 3.60 13.19 11.57
C TYR C 187 4.44 14.32 12.13
N MET C 188 3.83 15.50 12.23
CA MET C 188 4.58 16.71 12.56
C MET C 188 3.67 17.68 13.28
N GLN C 189 3.98 17.95 14.55
CA GLN C 189 3.15 18.78 15.41
C GLN C 189 3.53 20.26 15.25
N GLU C 190 3.05 21.12 16.14
CA GLU C 190 3.18 22.56 16.01
C GLU C 190 4.60 23.02 16.31
N ASN C 191 5.54 22.72 15.42
CA ASN C 191 6.93 23.14 15.55
C ASN C 191 7.23 24.12 14.42
N LYS C 192 7.79 25.28 14.77
CA LYS C 192 8.18 26.26 13.77
C LYS C 192 9.46 25.80 13.06
N LEU C 193 10.01 26.71 12.26
CA LEU C 193 11.19 26.47 11.42
C LEU C 193 10.96 25.39 10.36
N VAL C 194 9.73 24.90 10.24
CA VAL C 194 9.37 23.95 9.20
C VAL C 194 8.40 24.65 8.25
N THR C 195 8.82 24.80 6.99
CA THR C 195 8.06 25.59 6.02
C THR C 195 7.74 24.76 4.78
N ASP C 196 7.25 25.42 3.73
CA ASP C 196 6.90 24.72 2.51
C ASP C 196 8.11 24.11 1.80
N GLN C 197 9.32 24.53 2.18
CA GLN C 197 10.53 23.97 1.58
C GLN C 197 10.68 22.49 1.88
N SER C 198 10.17 22.01 3.02
CA SER C 198 10.21 20.60 3.37
C SER C 198 9.06 19.83 2.74
N VAL C 199 7.87 20.41 2.67
CA VAL C 199 6.74 19.75 2.04
C VAL C 199 6.99 19.59 0.54
N LYS C 200 7.61 20.58 -0.10
CA LYS C 200 7.94 20.50 -1.51
C LYS C 200 8.97 19.42 -1.82
N ALA C 201 9.75 18.99 -0.83
CA ALA C 201 10.74 17.94 -1.03
C ALA C 201 10.29 16.58 -0.52
N PHE C 202 9.28 16.52 0.35
CA PHE C 202 8.77 15.26 0.84
C PHE C 202 7.72 14.65 -0.07
N ALA C 203 7.38 15.32 -1.18
CA ALA C 203 6.50 14.76 -2.19
C ALA C 203 7.24 14.34 -3.45
N GLU C 204 8.48 14.79 -3.63
CA GLU C 204 9.28 14.41 -4.78
C GLU C 204 10.22 13.25 -4.47
N HIS C 205 10.65 13.11 -3.22
CA HIS C 205 11.59 12.06 -2.81
C HIS C 205 10.95 11.02 -1.91
N CYS C 206 9.62 10.97 -1.87
CA CYS C 206 8.91 9.98 -1.06
C CYS C 206 7.57 9.65 -1.68
N PRO C 207 7.54 8.85 -2.75
CA PRO C 207 6.28 8.54 -3.42
C PRO C 207 5.49 7.40 -2.82
N GLU C 208 5.84 6.93 -1.62
CA GLU C 208 5.10 5.87 -0.93
C GLU C 208 4.50 6.39 0.37
N LEU C 209 4.09 7.65 0.39
CA LEU C 209 3.55 8.27 1.59
C LEU C 209 2.04 8.01 1.68
N GLN C 210 1.60 7.57 2.85
CA GLN C 210 0.19 7.32 3.09
C GLN C 210 -0.43 8.22 4.15
N TYR C 211 0.33 8.57 5.19
CA TYR C 211 -0.15 9.44 6.26
C TYR C 211 0.72 10.68 6.32
N VAL C 212 0.08 11.85 6.28
CA VAL C 212 0.78 13.13 6.33
C VAL C 212 0.09 14.01 7.35
N GLY C 213 0.87 14.60 8.26
CA GLY C 213 0.34 15.50 9.26
C GLY C 213 1.24 16.69 9.51
N PHE C 214 0.69 17.90 9.41
CA PHE C 214 1.44 19.13 9.59
C PHE C 214 0.66 20.11 10.47
N MET C 215 0.15 19.60 11.59
CA MET C 215 -0.61 20.43 12.52
C MET C 215 0.26 21.54 13.09
N GLY C 216 -0.27 22.76 13.10
CA GLY C 216 0.41 23.87 13.73
C GLY C 216 1.75 24.24 13.14
N CYS C 217 2.04 23.81 11.92
CA CYS C 217 3.32 24.10 11.29
C CYS C 217 3.28 25.47 10.61
N SER C 218 4.38 25.84 9.97
CA SER C 218 4.51 27.10 9.25
C SER C 218 4.41 26.91 7.75
N VAL C 219 3.57 26.00 7.31
CA VAL C 219 3.40 25.70 5.89
C VAL C 219 2.32 26.59 5.31
N THR C 220 2.36 26.76 3.98
CA THR C 220 1.40 27.57 3.25
C THR C 220 0.85 26.75 2.10
N SER C 221 -0.27 27.22 1.52
CA SER C 221 -0.91 26.50 0.43
C SER C 221 0.00 26.37 -0.79
N LYS C 222 1.01 27.23 -0.92
CA LYS C 222 1.96 27.08 -2.02
C LYS C 222 2.76 25.78 -1.91
N GLY C 223 3.00 25.29 -0.70
CA GLY C 223 3.66 24.01 -0.52
C GLY C 223 2.67 22.89 -0.27
N VAL C 224 1.50 23.23 0.28
CA VAL C 224 0.45 22.25 0.47
C VAL C 224 -0.06 21.74 -0.87
N ILE C 225 -0.14 22.61 -1.87
CA ILE C 225 -0.58 22.20 -3.20
C ILE C 225 0.39 21.21 -3.82
N HIS C 226 1.62 21.11 -3.30
CA HIS C 226 2.57 20.11 -3.77
C HIS C 226 2.33 18.79 -3.06
N LEU C 227 1.09 18.31 -3.08
CA LEU C 227 0.73 17.02 -2.50
C LEU C 227 -0.07 16.13 -3.43
N THR C 228 -0.56 16.65 -4.57
CA THR C 228 -1.26 15.83 -5.54
C THR C 228 -0.34 14.85 -6.25
N LYS C 229 0.98 15.00 -6.12
CA LYS C 229 1.93 14.10 -6.74
C LYS C 229 2.04 12.77 -6.00
N LEU C 230 1.43 12.65 -4.82
CA LEU C 230 1.42 11.42 -4.05
C LEU C 230 0.09 10.71 -4.32
N ARG C 231 0.14 9.66 -5.15
CA ARG C 231 -1.07 8.94 -5.51
C ARG C 231 -1.55 7.98 -4.43
N ASN C 232 -0.74 7.75 -3.39
CA ASN C 232 -1.08 6.80 -2.33
C ASN C 232 -1.45 7.51 -1.03
N LEU C 233 -1.90 8.76 -1.13
CA LEU C 233 -2.30 9.50 0.07
C LEU C 233 -3.59 8.91 0.64
N SER C 234 -3.60 8.71 1.96
CA SER C 234 -4.74 8.11 2.64
C SER C 234 -5.37 9.02 3.67
N SER C 235 -4.58 9.70 4.50
CA SER C 235 -5.08 10.56 5.55
C SER C 235 -4.33 11.88 5.54
N LEU C 236 -5.03 12.96 5.91
CA LEU C 236 -4.46 14.29 6.00
C LEU C 236 -4.79 14.89 7.36
N ASP C 237 -3.85 15.65 7.92
CA ASP C 237 -3.97 16.25 9.24
C ASP C 237 -3.58 17.72 9.19
N LEU C 238 -4.10 18.45 8.20
CA LEU C 238 -3.77 19.86 8.01
C LEU C 238 -4.66 20.70 8.92
N ARG C 239 -4.27 20.77 10.19
CA ARG C 239 -5.02 21.51 11.20
C ARG C 239 -4.23 22.73 11.64
N HIS C 240 -4.87 23.90 11.60
CA HIS C 240 -4.33 25.15 12.13
C HIS C 240 -2.98 25.48 11.49
N ILE C 241 -3.03 25.73 10.17
CA ILE C 241 -1.87 26.11 9.41
C ILE C 241 -1.94 27.60 9.11
N THR C 242 -0.83 28.15 8.59
CA THR C 242 -0.73 29.58 8.36
C THR C 242 -1.74 30.04 7.31
N GLU C 243 -1.77 29.38 6.15
CA GLU C 243 -2.70 29.75 5.10
C GLU C 243 -2.91 28.56 4.18
N LEU C 244 -4.18 28.31 3.82
CA LEU C 244 -4.55 27.19 2.98
C LEU C 244 -5.23 27.58 1.68
N ASP C 245 -5.72 28.81 1.56
CA ASP C 245 -6.60 29.21 0.46
C ASP C 245 -7.79 28.25 0.37
N ASN C 246 -8.38 28.13 -0.81
CA ASN C 246 -9.51 27.22 -0.96
C ASN C 246 -9.41 26.28 -2.15
N GLU C 247 -8.82 26.70 -3.27
CA GLU C 247 -8.76 25.82 -4.44
C GLU C 247 -7.80 24.67 -4.23
N THR C 248 -6.83 24.83 -3.33
CA THR C 248 -5.92 23.73 -3.01
C THR C 248 -6.68 22.54 -2.47
N VAL C 249 -7.73 22.77 -1.69
CA VAL C 249 -8.56 21.67 -1.21
C VAL C 249 -9.19 20.92 -2.38
N MET C 250 -9.75 21.67 -3.34
CA MET C 250 -10.32 21.04 -4.52
C MET C 250 -9.30 20.19 -5.26
N GLU C 251 -8.14 20.77 -5.57
CA GLU C 251 -7.15 20.08 -6.39
C GLU C 251 -6.35 19.04 -5.61
N ILE C 252 -6.55 18.95 -4.30
CA ILE C 252 -5.97 17.87 -3.52
C ILE C 252 -6.94 16.70 -3.40
N VAL C 253 -8.20 16.99 -3.06
CA VAL C 253 -9.16 15.89 -2.92
C VAL C 253 -9.53 15.29 -4.26
N LYS C 254 -9.57 16.11 -5.33
CA LYS C 254 -10.00 15.61 -6.63
C LYS C 254 -8.99 14.66 -7.25
N ARG C 255 -7.70 14.95 -7.10
CA ARG C 255 -6.65 14.15 -7.74
C ARG C 255 -6.31 12.89 -6.95
N CYS C 256 -6.08 13.03 -5.65
CA CYS C 256 -5.74 11.89 -4.80
C CYS C 256 -7.03 11.13 -4.49
N LYS C 257 -7.38 10.20 -5.37
CA LYS C 257 -8.60 9.41 -5.20
C LYS C 257 -8.34 8.22 -4.29
N ASN C 258 -7.67 8.46 -3.16
CA ASN C 258 -7.45 7.42 -2.16
C ASN C 258 -7.61 7.95 -0.74
N LEU C 259 -8.08 9.19 -0.58
CA LEU C 259 -8.16 9.79 0.75
C LEU C 259 -9.30 9.15 1.54
N SER C 260 -8.98 8.70 2.75
CA SER C 260 -9.99 8.16 3.65
C SER C 260 -10.25 9.05 4.86
N SER C 261 -9.31 9.92 5.22
CA SER C 261 -9.47 10.84 6.33
C SER C 261 -9.07 12.24 5.88
N LEU C 262 -9.85 13.23 6.32
CA LEU C 262 -9.57 14.63 6.01
C LEU C 262 -9.77 15.43 7.30
N ASN C 263 -8.67 15.76 7.96
CA ASN C 263 -8.69 16.44 9.26
C ASN C 263 -8.35 17.91 9.14
N LEU C 264 -8.80 18.59 8.10
CA LEU C 264 -8.59 20.04 7.99
C LEU C 264 -9.37 20.70 9.12
N CYS C 265 -8.65 21.27 10.08
CA CYS C 265 -9.26 21.71 11.33
C CYS C 265 -8.74 23.09 11.69
N LEU C 266 -9.60 23.86 12.38
CA LEU C 266 -9.26 25.20 12.87
C LEU C 266 -8.78 26.11 11.74
N ASN C 267 -9.31 25.90 10.54
CA ASN C 267 -9.01 26.73 9.38
C ASN C 267 -10.20 27.65 9.15
N TRP C 268 -10.02 28.94 9.45
CA TRP C 268 -11.13 29.88 9.46
C TRP C 268 -11.67 30.19 8.07
N ILE C 269 -10.80 30.29 7.05
CA ILE C 269 -11.24 30.75 5.74
C ILE C 269 -11.94 29.68 4.91
N ILE C 270 -11.93 28.43 5.37
CA ILE C 270 -12.61 27.36 4.65
C ILE C 270 -14.11 27.57 4.69
N ASN C 271 -14.76 27.38 3.54
CA ASN C 271 -16.18 27.69 3.42
C ASN C 271 -16.99 26.46 3.03
N ASP C 272 -18.28 26.66 2.75
CA ASP C 272 -19.19 25.54 2.56
C ASP C 272 -18.96 24.87 1.20
N ARG C 273 -18.64 25.65 0.17
CA ARG C 273 -18.49 25.10 -1.17
C ARG C 273 -17.42 24.02 -1.22
N CYS C 274 -16.37 24.17 -0.40
CA CYS C 274 -15.35 23.12 -0.33
C CYS C 274 -15.96 21.81 0.17
N VAL C 275 -16.78 21.88 1.21
CA VAL C 275 -17.42 20.68 1.74
C VAL C 275 -18.35 20.07 0.70
N GLU C 276 -19.10 20.93 0.00
CA GLU C 276 -20.03 20.43 -1.02
C GLU C 276 -19.30 19.69 -2.13
N VAL C 277 -18.22 20.29 -2.66
CA VAL C 277 -17.50 19.63 -3.74
C VAL C 277 -16.74 18.41 -3.25
N ILE C 278 -16.32 18.40 -1.98
CA ILE C 278 -15.70 17.21 -1.40
C ILE C 278 -16.71 16.08 -1.35
N ALA C 279 -17.94 16.38 -0.93
CA ALA C 279 -18.99 15.36 -0.93
C ALA C 279 -19.29 14.87 -2.33
N LYS C 280 -19.34 15.78 -3.31
CA LYS C 280 -19.60 15.39 -4.69
C LYS C 280 -18.52 14.48 -5.22
N GLU C 281 -17.25 14.80 -4.93
CA GLU C 281 -16.12 14.08 -5.51
C GLU C 281 -15.63 12.93 -4.64
N GLY C 282 -15.70 13.05 -3.32
CA GLY C 282 -15.15 12.06 -2.42
C GLY C 282 -15.77 10.68 -2.55
N GLN C 283 -14.98 9.72 -3.06
CA GLN C 283 -15.43 8.35 -3.20
C GLN C 283 -14.95 7.46 -2.05
N ASN C 284 -13.66 7.54 -1.71
CA ASN C 284 -13.08 6.75 -0.65
C ASN C 284 -13.04 7.48 0.69
N LEU C 285 -13.59 8.69 0.76
CA LEU C 285 -13.57 9.45 2.00
C LEU C 285 -14.37 8.72 3.08
N LYS C 286 -13.80 8.67 4.28
CA LYS C 286 -14.45 8.01 5.40
C LYS C 286 -14.39 8.79 6.71
N GLU C 287 -13.55 9.82 6.83
CA GLU C 287 -13.42 10.58 8.07
C GLU C 287 -13.27 12.06 7.73
N LEU C 288 -14.33 12.82 7.94
CA LEU C 288 -14.31 14.27 7.76
C LEU C 288 -14.29 14.92 9.12
N TYR C 289 -13.35 15.84 9.33
CA TYR C 289 -13.14 16.50 10.61
C TYR C 289 -13.30 18.01 10.39
N LEU C 290 -14.44 18.55 10.84
CA LEU C 290 -14.77 19.97 10.69
C LEU C 290 -15.03 20.53 12.08
N VAL C 291 -14.19 21.47 12.52
CA VAL C 291 -14.35 22.14 13.80
C VAL C 291 -14.09 23.62 13.61
N SER C 292 -15.03 24.46 14.08
CA SER C 292 -14.91 25.91 14.11
C SER C 292 -14.84 26.54 12.73
N CYS C 293 -15.10 25.78 11.67
CA CYS C 293 -15.12 26.35 10.32
C CYS C 293 -16.43 27.06 10.06
N LYS C 294 -16.36 28.10 9.22
CA LYS C 294 -17.54 28.91 8.89
C LYS C 294 -18.35 28.20 7.82
N ILE C 295 -19.12 27.21 8.27
CA ILE C 295 -20.10 26.52 7.43
C ILE C 295 -21.46 26.68 8.10
N THR C 296 -22.46 27.06 7.30
CA THR C 296 -23.75 27.50 7.83
C THR C 296 -24.87 26.58 7.34
N ASP C 297 -25.09 25.49 8.06
CA ASP C 297 -26.29 24.66 7.99
C ASP C 297 -26.53 24.03 6.62
N TYR C 298 -25.61 24.20 5.67
CA TYR C 298 -25.76 23.63 4.35
C TYR C 298 -24.67 22.63 3.99
N ALA C 299 -23.54 22.67 4.70
CA ALA C 299 -22.51 21.66 4.48
C ALA C 299 -23.01 20.27 4.88
N LEU C 300 -23.79 20.19 5.96
CA LEU C 300 -24.36 18.91 6.37
C LEU C 300 -25.30 18.36 5.32
N ILE C 301 -26.11 19.24 4.70
CA ILE C 301 -27.03 18.79 3.66
C ILE C 301 -26.26 18.23 2.47
N ALA C 302 -25.20 18.92 2.05
CA ALA C 302 -24.38 18.44 0.95
C ALA C 302 -23.72 17.10 1.30
N ILE C 303 -23.22 16.98 2.54
CA ILE C 303 -22.58 15.73 2.95
C ILE C 303 -23.58 14.59 2.90
N GLY C 304 -24.80 14.81 3.40
CA GLY C 304 -25.80 13.77 3.42
C GLY C 304 -26.46 13.46 2.10
N ARG C 305 -26.46 14.39 1.16
CA ARG C 305 -27.17 14.19 -0.10
C ARG C 305 -26.27 13.86 -1.29
N TYR C 306 -25.09 14.47 -1.40
CA TYR C 306 -24.24 14.32 -2.57
C TYR C 306 -23.04 13.41 -2.32
N SER C 307 -23.01 12.72 -1.18
CA SER C 307 -21.92 11.81 -0.85
C SER C 307 -22.48 10.43 -0.54
N MET C 308 -21.78 9.40 -1.00
CA MET C 308 -22.21 8.02 -0.80
C MET C 308 -21.48 7.31 0.32
N THR C 309 -20.21 7.62 0.54
CA THR C 309 -19.39 6.96 1.55
C THR C 309 -18.99 7.97 2.61
N ILE C 310 -19.57 7.84 3.81
CA ILE C 310 -19.22 8.67 4.95
C ILE C 310 -19.76 8.01 6.22
N GLU C 311 -19.04 8.16 7.33
CA GLU C 311 -19.47 7.60 8.61
C GLU C 311 -19.40 8.57 9.78
N THR C 312 -18.46 9.52 9.80
CA THR C 312 -18.29 10.38 10.95
C THR C 312 -18.18 11.84 10.49
N VAL C 313 -18.96 12.70 11.12
CA VAL C 313 -18.89 14.15 10.92
C VAL C 313 -18.96 14.81 12.29
N ASP C 314 -18.01 15.70 12.58
CA ASP C 314 -17.88 16.24 13.92
C ASP C 314 -17.95 17.77 13.94
N VAL C 315 -18.92 18.34 13.22
CA VAL C 315 -19.09 19.78 13.18
C VAL C 315 -19.29 20.31 14.60
N GLY C 316 -18.37 21.14 15.05
CA GLY C 316 -18.37 21.58 16.44
C GLY C 316 -17.67 22.91 16.60
N TRP C 317 -18.09 23.65 17.63
CA TRP C 317 -17.56 24.97 17.93
C TRP C 317 -17.67 25.91 16.73
N CYS C 318 -18.67 25.67 15.88
CA CYS C 318 -18.95 26.50 14.72
C CYS C 318 -20.01 27.52 15.11
N LYS C 319 -19.70 28.80 14.91
CA LYS C 319 -20.59 29.87 15.35
C LYS C 319 -21.90 29.93 14.58
N GLU C 320 -22.01 29.20 13.45
CA GLU C 320 -23.26 29.13 12.69
C GLU C 320 -23.57 27.66 12.38
N ILE C 321 -24.19 26.96 13.33
CA ILE C 321 -24.72 25.62 13.11
C ILE C 321 -26.03 25.49 13.89
N THR C 322 -27.14 25.49 13.17
CA THR C 322 -28.46 25.46 13.79
C THR C 322 -29.18 24.17 13.43
N ASP C 323 -30.38 23.99 14.00
CA ASP C 323 -31.19 22.82 13.76
C ASP C 323 -31.66 22.78 12.30
N GLN C 324 -32.35 21.69 11.93
CA GLN C 324 -32.80 21.38 10.58
C GLN C 324 -31.63 21.05 9.65
N GLY C 325 -30.38 21.17 10.11
CA GLY C 325 -29.23 20.74 9.34
C GLY C 325 -28.77 19.37 9.81
N ALA C 326 -28.68 19.19 11.12
CA ALA C 326 -28.37 17.87 11.67
C ALA C 326 -29.53 16.91 11.53
N THR C 327 -30.76 17.42 11.60
CA THR C 327 -31.96 16.61 11.44
C THR C 327 -32.22 16.24 9.99
N LEU C 328 -31.60 16.94 9.04
CA LEU C 328 -31.76 16.66 7.62
C LEU C 328 -30.69 15.73 7.07
N ILE C 329 -29.44 15.88 7.53
CA ILE C 329 -28.37 14.99 7.08
C ILE C 329 -28.64 13.56 7.55
N ALA C 330 -29.26 13.40 8.71
CA ALA C 330 -29.57 12.05 9.19
C ALA C 330 -30.55 11.34 8.27
N GLN C 331 -31.58 12.05 7.80
CA GLN C 331 -32.54 11.46 6.88
C GLN C 331 -32.04 11.44 5.44
N SER C 332 -30.99 12.20 5.13
CA SER C 332 -30.46 12.24 3.77
C SER C 332 -29.29 11.30 3.56
N SER C 333 -28.38 11.17 4.53
CA SER C 333 -27.20 10.34 4.36
C SER C 333 -27.59 8.86 4.37
N LYS C 334 -27.05 8.12 3.40
CA LYS C 334 -27.26 6.68 3.37
C LYS C 334 -26.43 5.96 4.43
N SER C 335 -25.36 6.59 4.92
CA SER C 335 -24.50 6.01 5.95
C SER C 335 -24.00 7.12 6.85
N LEU C 336 -24.21 6.97 8.15
CA LEU C 336 -23.76 7.95 9.13
C LEU C 336 -23.68 7.27 10.48
N ARG C 337 -22.48 7.24 11.07
CA ARG C 337 -22.27 6.62 12.36
C ARG C 337 -21.85 7.60 13.44
N TYR C 338 -21.58 8.86 13.09
CA TYR C 338 -21.17 9.85 14.09
C TYR C 338 -21.53 11.23 13.57
N LEU C 339 -22.24 11.99 14.41
CA LEU C 339 -22.69 13.34 14.06
C LEU C 339 -22.41 14.29 15.22
N GLY C 340 -21.18 14.27 15.72
CA GLY C 340 -20.78 15.07 16.86
C GLY C 340 -21.08 16.55 16.75
N LEU C 341 -21.79 17.09 17.73
CA LEU C 341 -22.15 18.51 17.75
C LEU C 341 -21.16 19.32 18.59
N MET C 342 -20.98 18.96 19.86
CA MET C 342 -19.85 19.43 20.65
C MET C 342 -19.77 20.95 20.75
N ARG C 343 -20.70 21.56 21.50
CA ARG C 343 -20.73 23.01 21.73
C ARG C 343 -21.21 23.77 20.49
N CYS C 344 -22.26 23.26 19.86
CA CYS C 344 -23.02 24.02 18.86
C CYS C 344 -24.22 24.59 19.63
N ASP C 345 -24.08 25.85 20.06
CA ASP C 345 -24.94 26.43 21.10
C ASP C 345 -26.40 26.53 20.71
N LYS C 346 -26.73 26.73 19.43
CA LYS C 346 -28.12 26.89 19.02
C LYS C 346 -28.75 25.57 18.57
N VAL C 347 -28.32 24.46 19.15
CA VAL C 347 -28.95 23.16 18.95
C VAL C 347 -29.72 22.82 20.21
N ASN C 348 -31.04 22.66 20.07
CA ASN C 348 -31.89 22.39 21.22
C ASN C 348 -31.66 20.97 21.73
N GLU C 349 -31.50 20.85 23.04
CA GLU C 349 -31.37 19.52 23.64
C GLU C 349 -32.64 18.71 23.47
N VAL C 350 -33.78 19.38 23.35
CA VAL C 350 -35.04 18.68 23.08
C VAL C 350 -35.01 18.07 21.68
N THR C 351 -34.36 18.74 20.73
CA THR C 351 -34.28 18.20 19.37
C THR C 351 -33.57 16.86 19.34
N VAL C 352 -32.30 16.84 19.76
CA VAL C 352 -31.63 15.55 19.87
C VAL C 352 -31.86 15.00 21.28
N GLU C 353 -33.09 14.57 21.53
CA GLU C 353 -33.44 13.58 22.54
C GLU C 353 -34.39 12.62 21.87
N GLN C 354 -35.24 13.19 21.00
CA GLN C 354 -36.08 12.43 20.09
C GLN C 354 -35.37 12.10 18.78
N LEU C 355 -34.49 12.98 18.29
CA LEU C 355 -33.71 12.64 17.11
C LEU C 355 -32.77 11.48 17.38
N VAL C 356 -32.21 11.40 18.60
CA VAL C 356 -31.32 10.29 18.95
C VAL C 356 -32.09 8.98 18.96
N GLN C 357 -33.28 8.96 19.57
CA GLN C 357 -34.05 7.72 19.65
C GLN C 357 -34.67 7.34 18.32
N GLN C 358 -34.96 8.33 17.46
CA GLN C 358 -35.55 8.02 16.16
C GLN C 358 -34.52 7.37 15.22
N TYR C 359 -33.23 7.68 15.41
CA TYR C 359 -32.16 7.17 14.57
C TYR C 359 -31.12 6.52 15.47
N PRO C 360 -31.39 5.32 16.00
CA PRO C 360 -30.44 4.69 16.92
C PRO C 360 -29.09 4.36 16.30
N HIS C 361 -29.03 4.13 14.99
CA HIS C 361 -27.77 3.75 14.36
C HIS C 361 -26.77 4.91 14.29
N ILE C 362 -27.20 6.13 14.59
CA ILE C 362 -26.31 7.27 14.66
C ILE C 362 -26.17 7.71 16.10
N THR C 363 -24.92 7.84 16.56
CA THR C 363 -24.61 8.33 17.89
C THR C 363 -24.12 9.78 17.77
N PHE C 364 -24.53 10.62 18.69
CA PHE C 364 -24.23 12.04 18.64
C PHE C 364 -23.34 12.43 19.82
N SER C 365 -22.40 13.35 19.55
CA SER C 365 -21.50 13.88 20.57
C SER C 365 -21.96 15.29 20.90
N THR C 366 -22.50 15.47 22.09
CA THR C 366 -23.06 16.74 22.53
C THR C 366 -22.64 16.96 23.99
N VAL C 367 -22.55 18.23 24.38
CA VAL C 367 -22.15 18.56 25.75
C VAL C 367 -23.06 17.86 26.76
N LEU C 368 -24.35 17.75 26.44
CA LEU C 368 -25.27 17.03 27.30
C LEU C 368 -25.02 15.52 27.30
N GLN C 369 -24.24 15.01 26.35
CA GLN C 369 -23.95 13.58 26.30
C GLN C 369 -22.85 13.22 27.29
N ASP C 370 -23.00 13.63 28.54
CA ASP C 370 -22.10 13.20 29.61
C ASP C 370 -22.59 11.95 30.32
N CYS C 371 -23.85 11.56 30.11
CA CYS C 371 -24.36 10.32 30.70
C CYS C 371 -23.68 9.11 30.08
N LYS C 372 -23.17 9.22 28.85
CA LYS C 372 -22.40 8.13 28.27
C LYS C 372 -21.12 7.87 29.08
N ARG C 373 -20.44 8.94 29.48
CA ARG C 373 -19.33 8.79 30.42
C ARG C 373 -19.83 8.31 31.78
N THR C 374 -20.86 8.98 32.30
CA THR C 374 -21.42 8.59 33.60
C THR C 374 -22.32 7.39 33.35
N LEU C 375 -21.76 6.41 32.64
CA LEU C 375 -22.30 5.07 32.52
C LEU C 375 -21.22 4.03 32.72
N GLU C 376 -19.94 4.41 32.63
CA GLU C 376 -18.86 3.50 32.96
C GLU C 376 -18.85 3.13 34.43
N ARG C 377 -19.63 3.83 35.25
CA ARG C 377 -19.88 3.44 36.64
C ARG C 377 -20.64 2.13 36.75
N ALA C 378 -21.22 1.64 35.65
CA ALA C 378 -21.90 0.35 35.64
C ALA C 378 -20.94 -0.82 35.86
N TYR C 379 -19.65 -0.56 35.99
CA TYR C 379 -18.66 -1.59 36.28
C TYR C 379 -18.03 -1.46 37.66
N GLN C 380 -17.95 -0.25 38.21
CA GLN C 380 -17.39 -0.03 39.54
C GLN C 380 -18.43 0.50 40.52
N MET C 381 -19.16 1.54 40.14
CA MET C 381 -20.23 2.14 40.98
C MET C 381 -19.52 2.59 42.25
N GLY C 382 -20.04 2.27 43.44
CA GLY C 382 -19.34 2.57 44.68
C GLY C 382 -19.06 4.04 44.93
N TRP C 383 -19.85 4.93 44.33
CA TRP C 383 -19.67 6.37 44.49
C TRP C 383 -20.85 7.01 45.21
N THR C 384 -22.07 6.81 44.74
CA THR C 384 -23.23 7.43 45.36
C THR C 384 -24.51 6.69 44.96
N HIS D 10 -30.78 19.14 36.06
CA HIS D 10 -30.38 19.40 34.69
C HIS D 10 -28.94 18.94 34.45
N SER D 11 -28.10 19.86 33.96
CA SER D 11 -26.69 19.53 33.72
C SER D 11 -25.96 19.22 35.02
N THR D 12 -26.37 19.83 36.13
CA THR D 12 -25.76 19.57 37.42
C THR D 12 -26.16 18.18 37.91
N ASN D 13 -25.55 17.78 39.04
CA ASN D 13 -25.77 16.47 39.66
C ASN D 13 -25.28 15.35 38.74
N VAL D 14 -24.64 15.71 37.64
CA VAL D 14 -24.04 14.75 36.71
C VAL D 14 -22.56 15.01 36.55
N LEU D 15 -22.18 16.26 36.29
CA LEU D 15 -20.76 16.62 36.24
C LEU D 15 -20.10 16.47 37.60
N LEU D 16 -20.89 16.51 38.68
CA LEU D 16 -20.34 16.28 40.01
C LEU D 16 -19.78 14.87 40.15
N SER D 17 -20.40 13.89 39.48
CA SER D 17 -19.86 12.53 39.50
C SER D 17 -18.48 12.48 38.86
N LEU D 18 -18.31 13.15 37.72
CA LEU D 18 -16.99 13.22 37.09
C LEU D 18 -15.99 13.98 37.96
N ASN D 19 -16.45 15.03 38.64
CA ASN D 19 -15.56 15.76 39.55
C ASN D 19 -15.09 14.85 40.69
N ASP D 20 -16.00 14.06 41.26
CA ASP D 20 -15.62 13.13 42.32
C ASP D 20 -14.67 12.07 41.78
N GLN D 21 -14.90 11.58 40.56
CA GLN D 21 -14.01 10.60 39.97
C GLN D 21 -12.61 11.19 39.78
N ARG D 22 -12.53 12.43 39.31
CA ARG D 22 -11.22 13.06 39.13
C ARG D 22 -10.52 13.31 40.45
N LYS D 23 -11.26 13.77 41.47
CA LYS D 23 -10.64 14.11 42.74
C LYS D 23 -10.00 12.92 43.41
N LYS D 24 -10.55 11.72 43.23
CA LYS D 24 -10.01 10.51 43.81
C LYS D 24 -9.01 9.81 42.89
N ASP D 25 -8.71 10.40 41.74
CA ASP D 25 -7.78 9.83 40.76
C ASP D 25 -8.22 8.44 40.32
N VAL D 26 -9.41 8.40 39.73
CA VAL D 26 -10.00 7.16 39.24
C VAL D 26 -10.81 7.44 37.99
N LEU D 27 -10.82 6.49 37.06
CA LEU D 27 -11.56 6.57 35.80
C LEU D 27 -11.26 7.88 35.06
N CYS D 28 -9.97 8.14 34.90
CA CYS D 28 -9.50 9.31 34.16
C CYS D 28 -8.88 8.85 32.84
N ASP D 29 -9.24 9.53 31.75
CA ASP D 29 -8.83 9.14 30.41
C ASP D 29 -7.68 9.97 29.87
N VAL D 30 -7.61 11.26 30.21
CA VAL D 30 -6.66 12.18 29.62
C VAL D 30 -5.75 12.73 30.70
N THR D 31 -4.45 12.82 30.40
CA THR D 31 -3.46 13.43 31.27
C THR D 31 -2.86 14.64 30.58
N ILE D 32 -2.83 15.77 31.28
CA ILE D 32 -2.31 17.02 30.75
C ILE D 32 -1.04 17.38 31.50
N PHE D 33 0.03 17.68 30.75
CA PHE D 33 1.30 18.04 31.33
C PHE D 33 1.45 19.56 31.32
N VAL D 34 1.52 20.15 32.51
CA VAL D 34 1.76 21.57 32.68
C VAL D 34 3.07 21.72 33.45
N GLU D 35 4.08 22.29 32.78
CA GLU D 35 5.44 22.43 33.29
C GLU D 35 5.88 21.20 34.09
N GLY D 36 5.63 20.03 33.53
CA GLY D 36 6.05 18.78 34.13
C GLY D 36 4.97 18.08 34.95
N GLN D 37 4.18 18.85 35.69
CA GLN D 37 3.15 18.28 36.54
C GLN D 37 2.05 17.66 35.68
N ARG D 38 1.49 16.55 36.17
CA ARG D 38 0.45 15.82 35.47
C ARG D 38 -0.90 16.06 36.14
N PHE D 39 -1.89 16.48 35.34
CA PHE D 39 -3.25 16.69 35.81
C PHE D 39 -4.18 15.74 35.09
N ARG D 40 -5.03 15.04 35.86
CA ARG D 40 -5.95 14.08 35.31
C ARG D 40 -7.27 14.75 34.95
N ALA D 41 -7.82 14.40 33.80
CA ALA D 41 -9.08 14.98 33.35
C ALA D 41 -9.77 14.00 32.41
N HIS D 42 -11.07 14.20 32.24
CA HIS D 42 -11.87 13.37 31.35
C HIS D 42 -11.74 13.86 29.91
N ARG D 43 -12.57 13.30 29.03
CA ARG D 43 -12.53 13.66 27.61
C ARG D 43 -13.60 14.68 27.25
N SER D 44 -14.85 14.44 27.67
CA SER D 44 -15.94 15.34 27.28
C SER D 44 -15.84 16.69 27.98
N VAL D 45 -15.35 16.71 29.22
CA VAL D 45 -15.30 17.96 29.97
C VAL D 45 -14.37 18.97 29.30
N LEU D 46 -13.14 18.54 28.97
CA LEU D 46 -12.21 19.44 28.32
C LEU D 46 -12.62 19.73 26.88
N ALA D 47 -13.28 18.77 26.22
CA ALA D 47 -13.76 19.01 24.86
C ALA D 47 -14.82 20.11 24.84
N ALA D 48 -15.73 20.09 25.81
CA ALA D 48 -16.73 21.15 25.92
C ALA D 48 -16.16 22.42 26.53
N CYS D 49 -15.01 22.34 27.20
CA CYS D 49 -14.41 23.53 27.79
C CYS D 49 -13.91 24.50 26.74
N SER D 50 -13.00 24.05 25.87
CA SER D 50 -12.40 24.90 24.86
C SER D 50 -12.28 24.16 23.54
N SER D 51 -12.24 24.92 22.45
CA SER D 51 -12.06 24.33 21.13
C SER D 51 -10.64 23.81 20.93
N TYR D 52 -9.66 24.41 21.62
CA TYR D 52 -8.28 23.95 21.50
C TYR D 52 -8.12 22.52 21.98
N PHE D 53 -8.81 22.14 23.05
CA PHE D 53 -8.80 20.76 23.52
C PHE D 53 -9.61 19.84 22.62
N HIS D 54 -10.74 20.34 22.10
CA HIS D 54 -11.56 19.53 21.20
C HIS D 54 -10.80 19.15 19.94
N SER D 55 -10.03 20.09 19.39
CA SER D 55 -9.31 19.82 18.14
C SER D 55 -8.31 18.68 18.33
N ARG D 56 -7.59 18.67 19.44
CA ARG D 56 -6.60 17.64 19.72
C ARG D 56 -7.19 16.37 20.32
N ILE D 57 -8.44 16.41 20.78
CA ILE D 57 -9.08 15.23 21.36
C ILE D 57 -9.85 14.43 20.32
N VAL D 58 -10.60 15.11 19.45
CA VAL D 58 -11.44 14.40 18.49
C VAL D 58 -10.61 13.65 17.46
N GLY D 59 -9.36 14.05 17.27
CA GLY D 59 -8.53 13.41 16.25
C GLY D 59 -8.26 11.95 16.54
N GLN D 60 -7.89 11.65 17.77
CA GLN D 60 -7.54 10.29 18.15
C GLN D 60 -8.71 9.58 18.81
N ALA D 61 -8.61 8.25 18.90
CA ALA D 61 -9.65 7.43 19.53
C ALA D 61 -8.95 6.24 20.19
N ASP D 62 -8.66 6.38 21.48
CA ASP D 62 -8.02 5.32 22.24
C ASP D 62 -8.32 5.52 23.71
N GLY D 63 -8.05 4.49 24.51
CA GLY D 63 -8.32 4.56 25.93
C GLY D 63 -7.46 5.59 26.66
N GLU D 64 -6.19 5.68 26.29
CA GLU D 64 -5.25 6.59 26.92
C GLU D 64 -4.84 7.66 25.92
N LEU D 65 -4.96 8.93 26.34
CA LEU D 65 -4.60 10.07 25.51
C LEU D 65 -3.74 11.03 26.32
N ASN D 66 -2.81 11.68 25.63
CA ASN D 66 -1.89 12.62 26.26
C ASN D 66 -1.84 13.90 25.45
N ILE D 67 -2.02 15.04 26.12
CA ILE D 67 -1.93 16.36 25.50
C ILE D 67 -0.96 17.19 26.32
N THR D 68 0.05 17.75 25.67
CA THR D 68 1.08 18.56 26.32
C THR D 68 0.88 20.01 25.93
N LEU D 69 0.48 20.83 26.91
CA LEU D 69 0.31 22.25 26.66
C LEU D 69 1.66 22.93 26.50
N PRO D 70 1.73 24.02 25.74
CA PRO D 70 3.01 24.74 25.57
C PRO D 70 3.54 25.35 26.87
N GLU D 71 4.73 25.93 26.78
CA GLU D 71 5.42 26.43 27.97
C GLU D 71 4.68 27.58 28.62
N GLU D 72 4.10 28.48 27.81
CA GLU D 72 3.53 29.71 28.35
C GLU D 72 2.37 29.46 29.32
N VAL D 73 1.77 28.28 29.29
CA VAL D 73 0.73 27.93 30.25
C VAL D 73 1.40 27.52 31.56
N THR D 74 0.99 28.17 32.66
CA THR D 74 1.61 27.97 33.95
C THR D 74 0.70 27.14 34.86
N VAL D 75 1.31 26.49 35.85
CA VAL D 75 0.54 25.67 36.78
C VAL D 75 -0.44 26.53 37.58
N LYS D 76 0.01 27.70 38.02
CA LYS D 76 -0.87 28.60 38.77
C LYS D 76 -2.01 29.15 37.93
N GLY D 77 -1.92 29.04 36.61
CA GLY D 77 -2.99 29.46 35.73
C GLY D 77 -3.89 28.32 35.30
N PHE D 78 -3.30 27.12 35.17
CA PHE D 78 -4.06 25.94 34.79
C PHE D 78 -4.62 25.18 36.00
N GLU D 79 -4.24 25.55 37.22
CA GLU D 79 -4.93 25.03 38.38
C GLU D 79 -6.41 25.44 38.40
N PRO D 80 -6.77 26.68 38.08
CA PRO D 80 -8.16 26.98 37.74
C PRO D 80 -8.44 26.55 36.30
N LEU D 81 -9.62 26.92 35.81
CA LEU D 81 -10.07 26.64 34.45
C LEU D 81 -10.30 25.14 34.24
N ILE D 82 -9.93 24.33 35.23
CA ILE D 82 -10.30 22.93 35.27
C ILE D 82 -11.31 22.65 36.39
N GLN D 83 -11.16 23.34 37.53
CA GLN D 83 -12.26 23.42 38.49
C GLN D 83 -13.42 24.20 37.91
N PHE D 84 -13.13 25.23 37.11
CA PHE D 84 -14.18 25.95 36.39
C PHE D 84 -14.82 25.07 35.32
N ALA D 85 -14.10 24.05 34.84
CA ALA D 85 -14.68 23.15 33.85
C ALA D 85 -15.68 22.19 34.49
N TYR D 86 -15.48 21.86 35.76
CA TYR D 86 -16.34 20.90 36.46
C TYR D 86 -17.46 21.59 37.23
N THR D 87 -17.10 22.46 38.17
CA THR D 87 -18.07 23.13 39.03
C THR D 87 -18.62 24.42 38.42
N ALA D 88 -18.14 24.82 37.24
CA ALA D 88 -18.57 26.05 36.57
C ALA D 88 -18.35 27.28 37.45
N LYS D 89 -17.32 27.25 38.30
CA LYS D 89 -16.99 28.38 39.15
C LYS D 89 -15.48 28.58 39.15
N LEU D 90 -15.07 29.84 39.14
CA LEU D 90 -13.66 30.20 39.08
C LEU D 90 -13.31 31.09 40.26
N ILE D 91 -12.12 30.88 40.83
CA ILE D 91 -11.66 31.62 42.00
C ILE D 91 -10.89 32.84 41.52
N LEU D 92 -11.25 34.01 42.06
CA LEU D 92 -10.62 35.27 41.67
C LEU D 92 -10.00 35.93 42.90
N SER D 93 -8.68 35.93 42.97
CA SER D 93 -7.97 36.71 43.97
C SER D 93 -7.25 37.88 43.30
N LYS D 94 -6.78 38.83 44.10
CA LYS D 94 -6.00 39.94 43.57
C LYS D 94 -4.65 39.50 43.02
N GLU D 95 -4.11 38.39 43.50
CA GLU D 95 -3.01 37.70 42.87
C GLU D 95 -3.57 36.60 41.97
N ASN D 96 -2.69 36.01 41.16
CA ASN D 96 -3.07 34.99 40.19
C ASN D 96 -4.16 35.52 39.25
N VAL D 97 -3.80 36.56 38.50
CA VAL D 97 -4.72 37.17 37.55
C VAL D 97 -4.11 37.21 36.15
N ASP D 98 -2.85 37.67 36.05
CA ASP D 98 -2.21 37.80 34.74
C ASP D 98 -1.99 36.45 34.08
N GLU D 99 -1.54 35.46 34.85
CA GLU D 99 -1.33 34.13 34.28
C GLU D 99 -2.65 33.47 33.88
N VAL D 100 -3.70 33.68 34.66
CA VAL D 100 -5.01 33.13 34.30
C VAL D 100 -5.53 33.75 33.02
N CYS D 101 -5.38 35.07 32.88
CA CYS D 101 -5.80 35.73 31.64
C CYS D 101 -4.97 35.25 30.46
N LYS D 102 -3.66 35.07 30.66
CA LYS D 102 -2.81 34.58 29.59
C LYS D 102 -3.23 33.18 29.15
N CYS D 103 -3.51 32.30 30.11
CA CYS D 103 -3.98 30.95 29.79
C CYS D 103 -5.34 30.99 29.09
N VAL D 104 -6.22 31.88 29.54
CA VAL D 104 -7.55 31.99 28.94
C VAL D 104 -7.44 32.41 27.48
N GLU D 105 -6.60 33.40 27.20
CA GLU D 105 -6.46 33.88 25.82
C GLU D 105 -5.68 32.89 24.96
N PHE D 106 -4.74 32.15 25.54
CA PHE D 106 -3.98 31.17 24.76
C PHE D 106 -4.84 29.95 24.41
N LEU D 107 -5.58 29.42 25.38
CA LEU D 107 -6.45 28.29 25.14
C LEU D 107 -7.78 28.67 24.50
N SER D 108 -8.12 29.97 24.51
CA SER D 108 -9.33 30.48 23.86
C SER D 108 -10.59 29.79 24.42
N VAL D 109 -10.82 29.98 25.72
CA VAL D 109 -12.02 29.49 26.36
C VAL D 109 -13.12 30.52 26.19
N HIS D 110 -14.24 30.10 25.60
CA HIS D 110 -15.32 31.03 25.29
C HIS D 110 -16.14 31.39 26.52
N ASN D 111 -16.17 30.52 27.54
CA ASN D 111 -17.02 30.75 28.70
C ASN D 111 -16.64 32.04 29.42
N ILE D 112 -15.35 32.28 29.61
CA ILE D 112 -14.85 33.49 30.24
C ILE D 112 -13.97 34.22 29.24
N GLU D 113 -14.30 35.48 28.96
CA GLU D 113 -13.55 36.28 28.01
C GLU D 113 -12.57 37.18 28.76
N GLU D 114 -11.86 38.03 28.03
CA GLU D 114 -10.93 38.98 28.64
C GLU D 114 -11.61 40.26 29.09
N SER D 115 -12.65 40.70 28.38
CA SER D 115 -13.40 41.87 28.80
C SER D 115 -14.17 41.62 30.09
N CYS D 116 -14.54 40.37 30.37
CA CYS D 116 -15.23 40.00 31.59
C CYS D 116 -14.28 39.57 32.70
N PHE D 117 -12.96 39.65 32.47
CA PHE D 117 -11.96 39.19 33.41
C PHE D 117 -11.07 40.32 33.91
N GLN D 118 -10.61 41.21 33.02
CA GLN D 118 -9.65 42.24 33.32
C GLN D 118 -10.26 43.40 34.13
N PHE D 119 -11.57 43.43 34.29
CA PHE D 119 -12.30 44.60 34.78
C PHE D 119 -11.66 45.30 35.98
N LEU D 120 -11.60 44.61 37.13
CA LEU D 120 -11.07 45.25 38.33
C LEU D 120 -10.27 44.29 39.20
N LYS D 121 -9.69 43.25 38.61
CA LYS D 121 -8.93 42.29 39.41
C LYS D 121 -7.48 42.70 39.62
N PHE D 122 -7.04 43.77 38.95
CA PHE D 122 -5.67 44.28 39.09
C PHE D 122 -4.62 43.21 38.81
#